data_3T6S
#
_entry.id   3T6S
#
_cell.length_a   106.910
_cell.length_b   106.910
_cell.length_c   122.040
_cell.angle_alpha   90.00
_cell.angle_beta   90.00
_cell.angle_gamma   90.00
#
_symmetry.space_group_name_H-M   'P 41 21 2'
#
loop_
_entity.id
_entity.type
_entity.pdbx_description
1 polymer CerJ
2 polymer CerJ
3 non-polymer 'COENZYME A'
4 water water
#
loop_
_entity_poly.entity_id
_entity_poly.type
_entity_poly.pdbx_seq_one_letter_code
_entity_poly.pdbx_strand_id
1 'polypeptide(L)'
;MRWENLFVSGVAAWLPPLSTAQDAVMAGLLDPARSKLRGIESVTVASDAEEDAPPRMAARAARAALGRGDVDPADVSLVL
HSSLWFQGIDLWPAASYVAHEAVGRHVPAFGLAQR(CSD)NGGMGAIELAGAYLGSGIGAGHAALLTTGDRFAGPRIDRW
NSVDVTMYGDGAAALVLSTRDGFARVLSTATGVDNSLEILARGDEPFAPHPVEPSPVADLGTRTVRGAELADLPDLTHRY
IDLLVAAKTQALEDAGTAIEDIAHAVIPVSRRGTGHELHDLLGLPDERTSWAYGRTTGHVGAGDQYAGLAHLVENALVQP
GDRVLLFGGGAGYTCTAAVVEILRMPAQCMRGSRSHHHHHH
;
A
2 'polypeptide(L)'
;MRWENLFVSGVAAWLPPLSTAQDAVMAGLLDPARSKLRGIESVTVASDAEEDAPPRMAARAARAALGRGDVDPADVSLVL
HSSLWFQGIDLWPAASYVAHEAVGRHVPAFGLAQRCNGGMGAIELAGAYLGSGIGAGHAALLTTGDRFAGPRIDRWNSVD
VTMYGDGAAALVLSTRDGFARVLSTATGVDNSLEILARGDEPFAPHPVEPSPVADLGTRTVRGAELADLPDLTHRYIDLL
VAAKTQALEDAGTAIEDIAHAVIPVSRRGTGHELHDLLGLPDERTSWAYGRTTGHVGAGDQYAGLAHLVENALVQPGDRV
LLFGGGAGYTCTAAVVEILRMPAQCMRGSRSHHHHHH
;
B
#
loop_
_chem_comp.id
_chem_comp.type
_chem_comp.name
_chem_comp.formula
COA non-polymer 'COENZYME A' 'C21 H36 N7 O16 P3 S'
#
# COMPACT_ATOMS: atom_id res chain seq x y z
N MET A 1 -8.96 -3.65 -19.27
CA MET A 1 -10.08 -4.41 -18.63
C MET A 1 -11.40 -3.70 -18.94
N ARG A 2 -12.37 -4.48 -19.37
CA ARG A 2 -13.72 -4.01 -19.62
C ARG A 2 -14.54 -4.41 -18.40
N TRP A 3 -15.17 -3.44 -17.77
CA TRP A 3 -15.93 -3.72 -16.56
C TRP A 3 -17.41 -3.81 -16.92
N GLU A 4 -18.01 -4.96 -16.62
CA GLU A 4 -19.44 -5.16 -16.91
C GLU A 4 -20.33 -4.55 -15.84
N ASN A 5 -19.82 -4.42 -14.61
CA ASN A 5 -20.64 -4.09 -13.47
C ASN A 5 -19.90 -3.30 -12.38
N LEU A 6 -19.40 -2.15 -12.75
CA LEU A 6 -18.65 -1.29 -11.82
C LEU A 6 -19.04 0.15 -12.04
N PHE A 7 -19.29 0.86 -10.93
CA PHE A 7 -19.82 2.22 -11.00
C PHE A 7 -19.05 3.11 -10.06
N VAL A 8 -19.04 4.40 -10.37
CA VAL A 8 -18.67 5.41 -9.40
C VAL A 8 -19.91 5.89 -8.70
N SER A 9 -19.95 5.68 -7.39
CA SER A 9 -21.12 6.00 -6.59
C SER A 9 -21.04 7.44 -6.06
N GLY A 10 -19.85 7.87 -5.71
CA GLY A 10 -19.66 9.19 -5.14
C GLY A 10 -18.20 9.61 -5.23
N VAL A 11 -17.96 10.91 -5.18
CA VAL A 11 -16.61 11.46 -5.36
C VAL A 11 -16.60 12.84 -4.72
N ALA A 12 -15.53 13.16 -4.00
CA ALA A 12 -15.42 14.43 -3.31
C ALA A 12 -13.96 14.71 -2.95
N ALA A 13 -13.63 15.99 -2.82
CA ALA A 13 -12.35 16.43 -2.28
C ALA A 13 -12.56 17.26 -1.00
N TRP A 14 -11.64 17.18 -0.05
CA TRP A 14 -11.57 18.17 1.02
C TRP A 14 -10.22 18.87 0.81
N LEU A 15 -10.29 20.15 0.43
CA LEU A 15 -9.08 20.93 0.18
C LEU A 15 -9.05 22.17 1.06
N PRO A 16 -7.86 22.51 1.57
CA PRO A 16 -7.72 23.73 2.37
C PRO A 16 -7.67 24.95 1.47
N PRO A 17 -7.52 26.15 2.05
CA PRO A 17 -7.59 27.33 1.22
C PRO A 17 -6.42 27.49 0.21
N LEU A 18 -6.64 28.36 -0.76
CA LEU A 18 -5.71 28.58 -1.86
C LEU A 18 -4.59 29.52 -1.41
N SER A 19 -3.40 29.27 -1.91
CA SER A 19 -2.23 30.09 -1.64
C SER A 19 -1.57 30.39 -3.00
N THR A 20 -1.40 31.66 -3.32
CA THR A 20 -1.09 32.06 -4.70
C THR A 20 0.42 31.97 -4.96
N ALA A 21 0.76 31.66 -6.21
CA ALA A 21 2.14 31.70 -6.67
C ALA A 21 2.66 33.11 -6.54
N GLN A 22 1.81 34.10 -6.78
CA GLN A 22 2.18 35.51 -6.64
C GLN A 22 2.73 35.81 -5.23
N ASP A 23 2.09 35.26 -4.20
CA ASP A 23 2.58 35.47 -2.82
C ASP A 23 3.88 34.73 -2.57
N ALA A 24 3.98 33.52 -3.11
CA ALA A 24 5.23 32.77 -3.02
C ALA A 24 6.41 33.53 -3.67
N VAL A 25 6.17 34.12 -4.84
CA VAL A 25 7.18 34.97 -5.51
C VAL A 25 7.54 36.15 -4.63
N MET A 26 6.53 36.87 -4.13
CA MET A 26 6.80 38.05 -3.32
C MET A 26 7.51 37.73 -1.99
N ALA A 27 7.23 36.56 -1.40
CA ALA A 27 7.97 36.06 -0.21
C ALA A 27 9.37 35.46 -0.50
N GLY A 28 9.78 35.45 -1.77
CA GLY A 28 11.10 34.92 -2.14
C GLY A 28 11.18 33.40 -2.10
N LEU A 29 10.03 32.71 -2.09
CA LEU A 29 10.00 31.26 -2.03
C LEU A 29 10.01 30.59 -3.40
N LEU A 30 9.72 31.36 -4.45
CA LEU A 30 9.48 30.83 -5.79
C LEU A 30 10.01 31.86 -6.78
N ASP A 31 10.88 31.39 -7.68
CA ASP A 31 11.46 32.23 -8.72
C ASP A 31 10.36 32.57 -9.74
N PRO A 32 10.22 33.86 -10.10
CA PRO A 32 9.12 34.21 -11.02
C PRO A 32 9.18 33.52 -12.39
N ALA A 33 10.39 33.22 -12.88
CA ALA A 33 10.56 32.55 -14.16
C ALA A 33 9.93 31.18 -14.09
N ARG A 34 10.19 30.49 -12.97
CA ARG A 34 9.60 29.20 -12.71
C ARG A 34 8.06 29.26 -12.57
N SER A 35 7.54 30.26 -11.87
CA SER A 35 6.09 30.46 -11.71
C SER A 35 5.41 30.56 -13.07
N LYS A 36 5.90 31.47 -13.91
CA LYS A 36 5.43 31.63 -15.28
C LYS A 36 5.53 30.33 -16.09
N LEU A 37 6.69 29.66 -16.06
CA LEU A 37 6.88 28.45 -16.87
C LEU A 37 5.88 27.34 -16.53
N ARG A 38 5.75 27.04 -15.24
CA ARG A 38 4.92 25.92 -14.82
C ARG A 38 3.40 26.24 -14.84
N GLY A 39 3.02 27.52 -14.84
CA GLY A 39 1.61 27.92 -15.01
C GLY A 39 0.66 27.62 -13.88
N ILE A 40 1.18 27.17 -12.75
CA ILE A 40 0.35 26.89 -11.56
C ILE A 40 0.10 28.24 -10.88
N GLU A 41 -1.15 28.64 -10.77
CA GLU A 41 -1.50 29.97 -10.28
C GLU A 41 -1.58 29.98 -8.77
N SER A 42 -1.96 28.85 -8.21
CA SER A 42 -2.16 28.72 -6.76
C SER A 42 -2.11 27.26 -6.39
N VAL A 43 -1.81 26.98 -5.14
CA VAL A 43 -1.93 25.62 -4.63
C VAL A 43 -2.67 25.66 -3.32
N THR A 44 -3.23 24.52 -2.93
CA THR A 44 -3.99 24.44 -1.69
C THR A 44 -3.00 24.19 -0.56
N VAL A 45 -3.11 24.97 0.54
CA VAL A 45 -2.22 24.83 1.69
C VAL A 45 -3.02 24.70 2.99
N ALA A 46 -2.80 23.60 3.71
CA ALA A 46 -3.45 23.34 5.01
C ALA A 46 -2.71 24.03 6.15
N SER A 47 -3.43 24.31 7.24
CA SER A 47 -2.81 24.79 8.48
C SER A 47 -1.98 23.63 9.03
N ASP A 48 -1.18 23.90 10.05
CA ASP A 48 -0.42 22.85 10.70
C ASP A 48 -1.15 22.17 11.88
N ALA A 49 -2.44 22.49 12.06
CA ALA A 49 -3.22 21.94 13.16
C ALA A 49 -3.50 20.46 12.95
N GLU A 50 -3.63 19.71 14.04
CA GLU A 50 -3.92 18.28 13.97
C GLU A 50 -5.14 17.97 13.12
N GLU A 51 -6.16 18.81 13.19
CA GLU A 51 -7.38 18.58 12.41
C GLU A 51 -7.14 18.55 10.89
N ASP A 52 -6.03 19.11 10.42
CA ASP A 52 -5.69 19.03 9.00
C ASP A 52 -4.61 17.99 8.67
N ALA A 53 -4.39 17.03 9.57
CA ALA A 53 -3.55 15.88 9.24
C ALA A 53 -4.15 15.10 8.06
N PRO A 54 -3.31 14.52 7.18
CA PRO A 54 -3.86 13.85 6.01
C PRO A 54 -4.99 12.84 6.29
N PRO A 55 -4.83 11.99 7.34
CA PRO A 55 -5.93 11.03 7.56
C PRO A 55 -7.25 11.69 7.98
N ARG A 56 -7.18 12.85 8.61
CA ARG A 56 -8.38 13.57 9.01
C ARG A 56 -9.06 14.27 7.81
N MET A 57 -8.28 14.80 6.88
CA MET A 57 -8.81 15.39 5.63
C MET A 57 -9.42 14.28 4.77
N ALA A 58 -8.76 13.12 4.75
CA ALA A 58 -9.24 11.98 4.02
C ALA A 58 -10.58 11.52 4.59
N ALA A 59 -10.68 11.47 5.92
CA ALA A 59 -11.93 11.10 6.58
C ALA A 59 -13.05 12.05 6.19
N ARG A 60 -12.78 13.35 6.15
CA ARG A 60 -13.79 14.32 5.72
C ARG A 60 -14.16 14.11 4.25
N ALA A 61 -13.18 13.94 3.37
CA ALA A 61 -13.50 13.72 1.95
C ALA A 61 -14.35 12.45 1.81
N ALA A 62 -14.03 11.42 2.58
CA ALA A 62 -14.69 10.13 2.46
C ALA A 62 -16.15 10.23 2.85
N ARG A 63 -16.41 10.97 3.93
CA ARG A 63 -17.79 11.15 4.41
C ARG A 63 -18.60 11.95 3.41
N ALA A 64 -17.99 12.95 2.77
CA ALA A 64 -18.65 13.70 1.69
C ALA A 64 -18.95 12.79 0.50
N ALA A 65 -17.99 11.96 0.09
CA ALA A 65 -18.19 11.10 -1.09
C ALA A 65 -19.31 10.05 -0.87
N LEU A 66 -19.32 9.43 0.31
CA LEU A 66 -20.33 8.44 0.70
C LEU A 66 -21.71 9.07 0.81
N GLY A 67 -21.78 10.26 1.41
CA GLY A 67 -23.04 11.00 1.53
C GLY A 67 -23.63 11.43 0.20
N ARG A 68 -22.80 11.94 -0.70
CA ARG A 68 -23.23 12.31 -2.05
C ARG A 68 -23.72 11.13 -2.89
N GLY A 69 -23.17 9.96 -2.66
CA GLY A 69 -23.60 8.76 -3.38
C GLY A 69 -24.73 8.02 -2.72
N ASP A 70 -25.12 8.46 -1.52
CA ASP A 70 -26.15 7.77 -0.78
C ASP A 70 -25.74 6.33 -0.37
N VAL A 71 -24.43 6.05 -0.31
CA VAL A 71 -23.94 4.70 0.04
C VAL A 71 -23.95 4.56 1.56
N ASP A 72 -24.52 3.47 2.07
CA ASP A 72 -24.48 3.20 3.50
C ASP A 72 -23.11 2.64 3.87
N PRO A 73 -22.45 3.22 4.89
CA PRO A 73 -21.13 2.75 5.32
C PRO A 73 -21.08 1.26 5.63
N ALA A 74 -22.19 0.71 6.13
CA ALA A 74 -22.29 -0.71 6.39
C ALA A 74 -22.15 -1.57 5.11
N ASP A 75 -22.33 -0.97 3.94
CA ASP A 75 -22.16 -1.68 2.65
C ASP A 75 -20.72 -1.59 2.08
N VAL A 76 -19.79 -0.92 2.77
CA VAL A 76 -18.42 -0.80 2.28
C VAL A 76 -17.59 -1.98 2.79
N SER A 77 -17.02 -2.73 1.84
CA SER A 77 -16.26 -3.94 2.14
C SER A 77 -14.75 -3.77 2.09
N LEU A 78 -14.27 -2.61 1.65
CA LEU A 78 -12.84 -2.35 1.58
C LEU A 78 -12.55 -0.85 1.59
N VAL A 79 -11.46 -0.49 2.24
CA VAL A 79 -10.96 0.87 2.21
C VAL A 79 -9.51 0.84 1.72
N LEU A 80 -9.22 1.57 0.65
CA LEU A 80 -7.85 1.79 0.23
C LEU A 80 -7.46 3.26 0.37
N HIS A 81 -6.37 3.52 1.09
CA HIS A 81 -5.92 4.89 1.34
C HIS A 81 -4.56 5.09 0.70
N SER A 82 -4.52 5.88 -0.39
CA SER A 82 -3.29 6.16 -1.13
C SER A 82 -2.69 7.51 -0.74
N SER A 83 -1.37 7.57 -0.71
CA SER A 83 -0.66 8.79 -0.35
C SER A 83 0.78 8.78 -0.86
N LEU A 84 1.40 9.95 -0.85
CA LEU A 84 2.80 10.16 -1.24
C LEU A 84 3.74 10.34 -0.08
N TRP A 85 3.23 10.83 1.06
CA TRP A 85 4.13 11.31 2.10
C TRP A 85 3.55 11.14 3.52
N PHE A 86 4.21 11.76 4.50
CA PHE A 86 4.00 11.50 5.92
C PHE A 86 2.54 11.72 6.27
N GLN A 87 1.97 10.79 7.05
CA GLN A 87 0.55 10.88 7.44
C GLN A 87 0.37 11.43 8.84
N GLY A 88 1.47 11.77 9.52
CA GLY A 88 1.41 12.52 10.76
C GLY A 88 1.87 11.80 12.00
N ILE A 89 1.73 10.47 12.00
CA ILE A 89 2.22 9.62 13.09
C ILE A 89 2.85 8.42 12.41
N ASP A 90 4.00 7.99 12.90
CA ASP A 90 4.67 6.86 12.25
C ASP A 90 4.30 5.58 12.93
N LEU A 91 4.69 4.46 12.32
CA LEU A 91 4.49 3.13 12.89
C LEU A 91 3.02 2.92 13.27
N TRP A 92 2.12 3.40 12.41
CA TRP A 92 0.69 3.45 12.72
C TRP A 92 -0.13 3.29 11.45
N PRO A 93 -1.21 2.50 11.50
CA PRO A 93 -2.03 2.28 10.29
C PRO A 93 -3.03 3.42 9.98
N ALA A 94 -2.56 4.43 9.25
CA ALA A 94 -3.40 5.55 8.86
C ALA A 94 -4.68 5.07 8.18
N ALA A 95 -4.58 4.04 7.34
CA ALA A 95 -5.75 3.51 6.62
C ALA A 95 -6.87 3.02 7.55
N SER A 96 -6.52 2.44 8.71
CA SER A 96 -7.52 1.95 9.64
C SER A 96 -8.27 3.10 10.34
N TYR A 97 -7.57 4.20 10.59
CA TYR A 97 -8.16 5.41 11.13
C TYR A 97 -9.15 6.01 10.14
N VAL A 98 -8.73 6.11 8.87
CA VAL A 98 -9.63 6.64 7.83
C VAL A 98 -10.90 5.76 7.79
N ALA A 99 -10.68 4.45 7.71
CA ALA A 99 -11.74 3.47 7.74
C ALA A 99 -12.64 3.65 8.95
N HIS A 100 -12.04 3.75 10.14
CA HIS A 100 -12.82 3.81 11.37
C HIS A 100 -13.71 5.06 11.38
N GLU A 101 -13.11 6.19 11.04
CA GLU A 101 -13.80 7.49 11.10
C GLU A 101 -14.90 7.66 10.04
N ALA A 102 -14.74 7.02 8.89
CA ALA A 102 -15.64 7.26 7.77
C ALA A 102 -16.58 6.09 7.49
N VAL A 103 -16.19 4.87 7.86
CA VAL A 103 -16.96 3.67 7.53
C VAL A 103 -17.33 2.82 8.75
N GLY A 104 -16.38 2.55 9.63
CA GLY A 104 -16.67 1.81 10.85
C GLY A 104 -15.60 0.81 11.19
N ARG A 105 -15.95 -0.09 12.11
CA ARG A 105 -14.97 -0.95 12.75
C ARG A 105 -14.54 -2.14 11.90
N HIS A 106 -15.48 -2.72 11.14
CA HIS A 106 -15.26 -4.06 10.61
C HIS A 106 -15.05 -4.07 9.10
N VAL A 107 -14.24 -3.14 8.59
CA VAL A 107 -13.92 -3.11 7.17
C VAL A 107 -12.39 -3.18 7.01
N PRO A 108 -11.89 -4.14 6.19
CA PRO A 108 -10.46 -4.22 5.90
C PRO A 108 -9.93 -2.95 5.24
N ALA A 109 -8.85 -2.40 5.78
CA ALA A 109 -8.23 -1.18 5.24
C ALA A 109 -6.74 -1.39 4.94
N PHE A 110 -6.32 -0.91 3.77
CA PHE A 110 -4.92 -0.97 3.36
C PHE A 110 -4.44 0.43 3.04
N GLY A 111 -3.20 0.74 3.44
CA GLY A 111 -2.48 1.85 2.87
C GLY A 111 -1.87 1.41 1.55
N LEU A 112 -1.95 2.26 0.55
CA LEU A 112 -1.52 1.93 -0.81
C LEU A 112 -0.50 2.94 -1.27
N ALA A 113 0.60 2.44 -1.82
CA ALA A 113 1.66 3.27 -2.33
C ALA A 113 1.90 2.95 -3.80
N GLN A 114 1.52 3.86 -4.69
CA GLN A 114 1.92 3.77 -6.09
C GLN A 114 2.23 5.15 -6.58
N ARG A 115 2.90 5.91 -5.71
CA ARG A 115 3.22 7.31 -5.93
C ARG A 115 2.01 8.05 -6.49
N CSD A 116 2.22 8.89 -7.52
CA CSD A 116 1.16 9.77 -8.02
CB CSD A 116 1.72 10.81 -9.04
SG CSD A 116 3.23 11.53 -8.67
C CSD A 116 -0.03 9.01 -8.61
O CSD A 116 -1.13 9.57 -8.71
OD1 CSD A 116 4.27 10.50 -8.58
OD2 CSD A 116 3.11 11.98 -7.34
N ASN A 117 0.18 7.75 -9.01
CA ASN A 117 -0.84 6.91 -9.61
C ASN A 117 -1.71 6.15 -8.62
N GLY A 118 -1.48 6.34 -7.33
CA GLY A 118 -2.21 5.56 -6.32
C GLY A 118 -3.73 5.64 -6.42
N GLY A 119 -4.25 6.84 -6.66
CA GLY A 119 -5.71 7.01 -6.78
C GLY A 119 -6.28 6.17 -7.88
N MET A 120 -5.61 6.17 -9.03
CA MET A 120 -6.07 5.40 -10.19
C MET A 120 -5.83 3.89 -10.08
N GLY A 121 -4.65 3.50 -9.61
CA GLY A 121 -4.32 2.08 -9.38
C GLY A 121 -5.28 1.43 -8.39
N ALA A 122 -5.69 2.19 -7.39
CA ALA A 122 -6.63 1.73 -6.37
C ALA A 122 -7.95 1.28 -7.01
N ILE A 123 -8.33 1.92 -8.11
CA ILE A 123 -9.60 1.60 -8.75
C ILE A 123 -9.54 0.19 -9.30
N GLU A 124 -8.40 -0.22 -9.87
CA GLU A 124 -8.26 -1.59 -10.37
C GLU A 124 -8.25 -2.60 -9.26
N LEU A 125 -7.53 -2.31 -8.19
CA LEU A 125 -7.41 -3.26 -7.08
C LEU A 125 -8.75 -3.45 -6.41
N ALA A 126 -9.43 -2.33 -6.17
CA ALA A 126 -10.72 -2.36 -5.51
C ALA A 126 -11.77 -3.03 -6.40
N GLY A 127 -11.72 -2.75 -7.70
CA GLY A 127 -12.69 -3.30 -8.61
C GLY A 127 -12.59 -4.81 -8.55
N ALA A 128 -11.37 -5.32 -8.54
CA ALA A 128 -11.14 -6.76 -8.50
C ALA A 128 -11.67 -7.33 -7.21
N TYR A 129 -11.40 -6.65 -6.11
CA TYR A 129 -11.83 -7.13 -4.79
C TYR A 129 -13.36 -7.23 -4.75
N LEU A 130 -14.03 -6.21 -5.28
CA LEU A 130 -15.50 -6.15 -5.25
C LEU A 130 -16.15 -7.25 -6.08
N GLY A 131 -15.49 -7.67 -7.16
CA GLY A 131 -16.01 -8.74 -8.00
C GLY A 131 -15.71 -10.14 -7.51
N SER A 132 -14.86 -10.26 -6.50
CA SER A 132 -14.27 -11.55 -6.16
C SER A 132 -15.16 -12.42 -5.30
N GLY A 133 -16.07 -11.81 -4.56
CA GLY A 133 -16.88 -12.54 -3.57
C GLY A 133 -16.23 -12.67 -2.19
N ILE A 134 -15.07 -12.05 -1.97
CA ILE A 134 -14.42 -12.12 -0.66
C ILE A 134 -15.23 -11.43 0.44
N GLY A 135 -15.70 -10.21 0.18
CA GLY A 135 -16.52 -9.46 1.14
C GLY A 135 -17.99 -9.37 0.75
N ALA A 136 -18.85 -9.09 1.73
CA ALA A 136 -20.30 -9.05 1.49
C ALA A 136 -20.85 -7.73 0.89
N GLY A 137 -20.24 -6.60 1.23
CA GLY A 137 -20.78 -5.32 0.76
C GLY A 137 -20.57 -5.13 -0.74
N HIS A 138 -21.24 -4.15 -1.32
CA HIS A 138 -21.13 -3.91 -2.75
C HIS A 138 -20.22 -2.70 -3.09
N ALA A 139 -19.64 -2.03 -2.08
CA ALA A 139 -18.96 -0.75 -2.28
C ALA A 139 -17.55 -0.78 -1.71
N ALA A 140 -16.65 0.03 -2.29
CA ALA A 140 -15.29 0.21 -1.77
C ALA A 140 -15.01 1.70 -1.68
N LEU A 141 -14.38 2.11 -0.59
CA LEU A 141 -14.01 3.51 -0.34
C LEU A 141 -12.54 3.68 -0.68
N LEU A 142 -12.24 4.58 -1.62
CA LEU A 142 -10.86 4.85 -1.98
C LEU A 142 -10.61 6.28 -1.58
N THR A 143 -9.53 6.49 -0.81
CA THR A 143 -9.19 7.82 -0.31
C THR A 143 -7.74 8.15 -0.67
N THR A 144 -7.43 9.43 -0.63
CA THR A 144 -6.07 9.92 -0.76
C THR A 144 -5.92 11.03 0.24
N GLY A 145 -4.69 11.28 0.67
CA GLY A 145 -4.46 12.43 1.55
C GLY A 145 -2.99 12.71 1.78
N ASP A 146 -2.64 13.98 1.63
CA ASP A 146 -1.29 14.41 1.96
C ASP A 146 -1.31 15.84 2.48
N ARG A 147 -0.28 16.17 3.24
CA ARG A 147 -0.04 17.53 3.72
C ARG A 147 1.48 17.74 3.80
N PHE A 148 1.98 18.54 2.89
CA PHE A 148 3.41 18.69 2.71
C PHE A 148 3.93 19.80 3.63
N ALA A 149 5.12 19.59 4.18
CA ALA A 149 5.74 20.51 5.13
C ALA A 149 7.26 20.47 5.04
N GLY A 150 7.88 21.57 5.37
CA GLY A 150 9.33 21.62 5.46
C GLY A 150 9.79 21.03 6.77
N PRO A 151 11.07 20.68 6.89
CA PRO A 151 12.11 20.94 5.89
C PRO A 151 12.10 20.00 4.69
N ARG A 152 11.63 18.76 4.82
CA ARG A 152 11.75 17.82 3.69
C ARG A 152 11.10 18.31 2.41
N ILE A 153 9.87 18.82 2.47
CA ILE A 153 9.18 19.20 1.25
C ILE A 153 9.09 20.72 1.10
N ASP A 154 9.58 21.21 -0.03
CA ASP A 154 9.30 22.58 -0.46
C ASP A 154 8.28 22.46 -1.58
N ARG A 155 7.02 22.78 -1.28
CA ARG A 155 5.94 22.53 -2.25
C ARG A 155 6.16 23.25 -3.58
N TRP A 156 6.86 24.38 -3.53
CA TRP A 156 7.05 25.19 -4.74
C TRP A 156 8.22 24.72 -5.65
N ASN A 157 9.15 23.96 -5.08
CA ASN A 157 10.43 23.58 -5.79
C ASN A 157 10.87 22.12 -5.74
N SER A 158 10.33 21.32 -4.81
CA SER A 158 10.82 19.96 -4.62
C SER A 158 10.57 19.00 -5.77
N VAL A 159 9.70 19.34 -6.71
CA VAL A 159 9.57 18.58 -7.97
C VAL A 159 9.59 19.56 -9.13
N ASP A 160 10.36 19.24 -10.17
CA ASP A 160 10.53 20.18 -11.28
CA ASP A 160 10.54 20.09 -11.33
C ASP A 160 9.22 20.41 -12.04
N VAL A 161 8.47 19.36 -12.35
CA VAL A 161 7.31 19.47 -13.24
C VAL A 161 6.00 19.90 -12.59
N THR A 162 5.99 20.08 -11.27
CA THR A 162 4.77 20.51 -10.61
C THR A 162 5.01 21.12 -9.24
N MET A 163 3.93 21.58 -8.62
CA MET A 163 3.97 22.15 -7.27
C MET A 163 2.91 21.46 -6.46
N TYR A 164 3.26 21.14 -5.21
CA TYR A 164 2.39 20.31 -4.39
C TYR A 164 1.30 21.14 -3.72
N GLY A 165 0.09 20.60 -3.71
CA GLY A 165 -1.01 21.12 -2.95
C GLY A 165 -1.39 20.10 -1.90
N ASP A 166 -1.79 20.61 -0.74
CA ASP A 166 -2.28 19.81 0.38
C ASP A 166 -3.76 19.49 0.17
N GLY A 167 -4.20 18.38 0.77
CA GLY A 167 -5.61 18.01 0.75
C GLY A 167 -5.86 16.53 0.54
N ALA A 168 -7.14 16.17 0.49
CA ALA A 168 -7.59 14.80 0.40
C ALA A 168 -8.76 14.67 -0.57
N ALA A 169 -8.93 13.48 -1.13
CA ALA A 169 -10.02 13.20 -2.03
C ALA A 169 -10.53 11.80 -1.76
N ALA A 170 -11.72 11.51 -2.26
CA ALA A 170 -12.33 10.21 -2.05
C ALA A 170 -13.21 9.84 -3.23
N LEU A 171 -13.28 8.56 -3.47
CA LEU A 171 -14.11 8.04 -4.55
C LEU A 171 -14.65 6.72 -4.08
N VAL A 172 -15.96 6.54 -4.25
CA VAL A 172 -16.64 5.33 -3.84
C VAL A 172 -17.01 4.57 -5.09
N LEU A 173 -16.59 3.30 -5.13
CA LEU A 173 -16.94 2.34 -6.19
C LEU A 173 -18.07 1.47 -5.69
N SER A 174 -18.94 1.04 -6.61
CA SER A 174 -20.04 0.13 -6.29
C SER A 174 -20.22 -0.86 -7.45
N THR A 175 -20.60 -2.09 -7.14
CA THR A 175 -21.02 -3.06 -8.15
C THR A 175 -22.53 -3.04 -8.37
N ARG A 176 -23.22 -2.15 -7.69
CA ARG A 176 -24.68 -2.13 -7.75
C ARG A 176 -25.17 -1.02 -8.70
N ASP A 177 -24.74 0.21 -8.45
CA ASP A 177 -25.16 1.40 -9.20
C ASP A 177 -24.32 2.61 -8.80
N GLY A 178 -24.45 3.69 -9.55
CA GLY A 178 -23.78 4.95 -9.25
C GLY A 178 -24.12 5.97 -10.33
N PHE A 179 -23.61 7.19 -10.18
CA PHE A 179 -23.91 8.27 -11.14
C PHE A 179 -23.14 8.10 -12.45
N ALA A 180 -22.05 7.36 -12.39
CA ALA A 180 -21.23 7.09 -13.55
C ALA A 180 -20.88 5.61 -13.55
N ARG A 181 -20.84 5.04 -14.74
CA ARG A 181 -20.35 3.67 -14.93
C ARG A 181 -18.89 3.72 -15.35
N VAL A 182 -18.11 2.84 -14.74
CA VAL A 182 -16.73 2.60 -15.13
C VAL A 182 -16.78 1.59 -16.28
N LEU A 183 -16.49 2.06 -17.49
CA LEU A 183 -16.54 1.18 -18.66
C LEU A 183 -15.29 0.33 -18.71
N SER A 184 -14.16 0.95 -18.34
CA SER A 184 -12.86 0.34 -18.50
C SER A 184 -11.80 0.93 -17.56
N THR A 185 -10.77 0.13 -17.29
CA THR A 185 -9.51 0.59 -16.72
C THR A 185 -8.37 -0.08 -17.50
N ALA A 186 -7.19 0.53 -17.47
CA ALA A 186 -5.99 -0.04 -18.09
C ALA A 186 -4.75 0.60 -17.52
N THR A 187 -3.74 -0.22 -17.26
CA THR A 187 -2.48 0.23 -16.69
C THR A 187 -1.33 0.01 -17.66
N GLY A 188 -0.58 1.07 -17.94
CA GLY A 188 0.70 0.96 -18.64
C GLY A 188 1.77 1.13 -17.56
N VAL A 189 2.89 0.44 -17.73
CA VAL A 189 3.92 0.42 -16.68
C VAL A 189 5.28 0.10 -17.26
N ASP A 190 6.31 0.74 -16.73
CA ASP A 190 7.66 0.43 -17.06
C ASP A 190 8.51 0.65 -15.82
N ASN A 191 8.79 -0.44 -15.12
CA ASN A 191 9.46 -0.34 -13.82
C ASN A 191 10.93 0.00 -13.96
N SER A 192 11.46 0.04 -15.18
CA SER A 192 12.85 0.47 -15.37
C SER A 192 13.00 1.93 -14.97
N LEU A 193 11.90 2.67 -14.96
CA LEU A 193 11.96 4.08 -14.74
C LEU A 193 11.99 4.41 -13.23
N GLU A 194 12.01 3.40 -12.37
CA GLU A 194 12.13 3.63 -10.90
C GLU A 194 13.40 4.40 -10.55
N ILE A 195 14.44 4.23 -11.36
CA ILE A 195 15.74 4.85 -11.13
C ILE A 195 15.62 6.37 -11.24
N LEU A 196 14.66 6.88 -12.00
CA LEU A 196 14.46 8.34 -12.09
C LEU A 196 13.87 8.90 -10.79
N ALA A 197 13.20 8.07 -9.99
CA ALA A 197 12.62 8.52 -8.73
C ALA A 197 13.58 8.42 -7.54
N ARG A 198 14.73 7.76 -7.70
CA ARG A 198 15.78 7.75 -6.66
C ARG A 198 17.10 8.40 -7.03
N GLY A 199 17.34 8.61 -8.32
CA GLY A 199 18.60 9.20 -8.78
C GLY A 199 19.77 8.44 -8.19
N ASP A 200 20.74 9.16 -7.63
CA ASP A 200 21.91 8.49 -7.01
C ASP A 200 21.83 8.48 -5.47
N GLU A 201 20.62 8.66 -4.93
CA GLU A 201 20.43 8.61 -3.50
C GLU A 201 20.86 7.23 -2.97
N PRO A 202 21.79 7.20 -2.00
CA PRO A 202 22.12 5.90 -1.39
C PRO A 202 20.98 5.31 -0.54
N PHE A 203 20.90 4.00 -0.49
CA PHE A 203 20.05 3.32 0.47
C PHE A 203 20.64 3.53 1.85
N ALA A 204 19.89 4.24 2.71
CA ALA A 204 20.32 4.49 4.08
C ALA A 204 19.60 3.53 5.05
N PRO A 205 20.28 3.16 6.14
CA PRO A 205 19.65 2.27 7.11
C PRO A 205 18.53 2.95 7.92
N HIS A 206 18.55 4.28 8.01
CA HIS A 206 17.58 5.05 8.79
C HIS A 206 17.28 6.31 8.00
N PRO A 207 16.05 6.88 8.17
CA PRO A 207 15.79 8.15 7.54
C PRO A 207 16.86 9.13 7.89
N VAL A 208 17.30 9.90 6.89
CA VAL A 208 18.39 10.86 7.07
C VAL A 208 17.88 12.03 7.88
N GLU A 209 18.55 12.36 8.97
CA GLU A 209 18.10 13.44 9.84
C GLU A 209 19.29 14.34 10.20
N PRO A 210 19.10 15.65 10.20
CA PRO A 210 17.87 16.34 9.83
C PRO A 210 17.54 16.20 8.32
N SER A 211 16.26 16.25 7.98
CA SER A 211 15.81 16.09 6.59
C SER A 211 16.28 17.24 5.75
N PRO A 212 17.09 16.95 4.72
CA PRO A 212 17.39 17.96 3.71
C PRO A 212 16.16 18.24 2.84
N VAL A 213 16.12 19.38 2.19
CA VAL A 213 14.95 19.68 1.32
C VAL A 213 15.01 18.74 0.12
N ALA A 214 13.88 18.08 -0.18
CA ALA A 214 13.82 17.15 -1.30
C ALA A 214 14.03 17.89 -2.62
N ASP A 215 14.69 17.24 -3.56
CA ASP A 215 14.83 17.79 -4.91
C ASP A 215 14.72 16.64 -5.88
N LEU A 216 13.47 16.31 -6.23
CA LEU A 216 13.18 15.18 -7.09
C LEU A 216 13.53 15.50 -8.54
N GLY A 217 13.61 16.77 -8.90
CA GLY A 217 14.09 17.15 -10.24
C GLY A 217 15.54 16.75 -10.45
N THR A 218 16.39 17.02 -9.47
CA THR A 218 17.79 16.60 -9.55
C THR A 218 17.95 15.07 -9.52
N ARG A 219 17.10 14.37 -8.78
CA ARG A 219 17.09 12.91 -8.84
C ARG A 219 16.85 12.35 -10.27
N THR A 220 15.94 12.97 -11.02
CA THR A 220 15.61 12.42 -12.34
C THR A 220 16.83 12.53 -13.26
N VAL A 221 17.62 13.59 -13.13
CA VAL A 221 18.79 13.78 -13.97
C VAL A 221 19.93 12.84 -13.57
N ARG A 222 20.18 12.67 -12.27
CA ARG A 222 21.19 11.69 -11.81
C ARG A 222 20.72 10.32 -12.26
N GLY A 223 19.43 10.06 -12.09
CA GLY A 223 18.80 8.83 -12.58
C GLY A 223 18.97 8.55 -14.07
N ALA A 224 18.75 9.56 -14.91
CA ALA A 224 18.95 9.44 -16.36
C ALA A 224 20.40 9.15 -16.69
N GLU A 225 21.32 9.90 -16.06
CA GLU A 225 22.76 9.66 -16.23
C GLU A 225 23.11 8.21 -15.90
N LEU A 226 22.70 7.75 -14.72
CA LEU A 226 22.95 6.38 -14.29
C LEU A 226 22.37 5.30 -15.20
N ALA A 227 21.12 5.46 -15.64
CA ALA A 227 20.41 4.41 -16.42
C ALA A 227 21.02 4.18 -17.79
N ASP A 228 21.53 5.24 -18.42
CA ASP A 228 22.20 5.13 -19.72
C ASP A 228 21.31 4.44 -20.78
N LEU A 229 20.03 4.78 -20.81
CA LEU A 229 19.08 4.15 -21.70
C LEU A 229 19.02 5.00 -22.95
N PRO A 230 18.99 4.37 -24.13
CA PRO A 230 18.92 5.15 -25.37
C PRO A 230 17.53 5.79 -25.62
N ASP A 231 16.49 5.19 -25.03
CA ASP A 231 15.11 5.50 -25.39
C ASP A 231 14.31 5.93 -24.16
N LEU A 232 14.96 6.63 -23.25
CA LEU A 232 14.36 7.00 -21.97
C LEU A 232 13.01 7.65 -22.17
N THR A 233 12.98 8.70 -22.98
CA THR A 233 11.77 9.46 -23.18
C THR A 233 10.72 8.63 -23.91
N HIS A 234 11.16 7.77 -24.83
CA HIS A 234 10.23 6.86 -25.50
C HIS A 234 9.56 5.85 -24.54
N ARG A 235 10.27 5.42 -23.50
CA ARG A 235 9.72 4.49 -22.53
C ARG A 235 8.53 5.10 -21.80
N TYR A 236 8.67 6.37 -21.40
CA TYR A 236 7.58 7.14 -20.79
CA TYR A 236 7.61 7.12 -20.77
C TYR A 236 6.41 7.23 -21.73
N ILE A 237 6.68 7.72 -22.94
CA ILE A 237 5.62 7.94 -23.93
C ILE A 237 4.86 6.64 -24.23
N ASP A 238 5.59 5.55 -24.40
CA ASP A 238 5.00 4.27 -24.73
C ASP A 238 4.04 3.74 -23.66
N LEU A 239 4.40 3.89 -22.38
CA LEU A 239 3.57 3.34 -21.33
C LEU A 239 2.31 4.19 -21.21
N LEU A 240 2.45 5.49 -21.43
CA LEU A 240 1.33 6.42 -21.38
C LEU A 240 0.38 6.13 -22.54
N VAL A 241 0.92 5.93 -23.74
CA VAL A 241 0.09 5.62 -24.91
C VAL A 241 -0.64 4.27 -24.74
N ALA A 242 0.02 3.29 -24.12
CA ALA A 242 -0.57 1.96 -23.91
C ALA A 242 -1.77 2.03 -22.95
N ALA A 243 -1.62 2.79 -21.86
CA ALA A 243 -2.72 2.99 -20.91
C ALA A 243 -3.90 3.64 -21.59
N LYS A 244 -3.62 4.69 -22.37
CA LYS A 244 -4.67 5.46 -23.05
C LYS A 244 -5.37 4.58 -24.08
N THR A 245 -4.60 3.93 -24.93
CA THR A 245 -5.15 3.14 -26.05
C THR A 245 -5.98 1.98 -25.52
N GLN A 246 -5.44 1.25 -24.55
CA GLN A 246 -6.15 0.13 -23.98
C GLN A 246 -7.40 0.57 -23.18
N ALA A 247 -7.33 1.63 -22.37
CA ALA A 247 -8.53 2.10 -21.66
C ALA A 247 -9.65 2.49 -22.64
N LEU A 248 -9.28 3.21 -23.70
CA LEU A 248 -10.25 3.65 -24.69
C LEU A 248 -10.81 2.45 -25.48
N GLU A 249 -9.91 1.57 -25.95
CA GLU A 249 -10.31 0.40 -26.72
C GLU A 249 -11.24 -0.52 -25.92
N ASP A 250 -10.88 -0.81 -24.68
CA ASP A 250 -11.73 -1.64 -23.79
C ASP A 250 -13.07 -0.98 -23.43
N ALA A 251 -13.15 0.35 -23.55
CA ALA A 251 -14.39 1.10 -23.36
C ALA A 251 -15.21 1.28 -24.65
N GLY A 252 -14.67 0.81 -25.78
CA GLY A 252 -15.32 1.00 -27.07
C GLY A 252 -15.48 2.47 -27.46
N THR A 253 -14.52 3.29 -27.04
CA THR A 253 -14.61 4.75 -27.12
C THR A 253 -13.37 5.30 -27.81
N ALA A 254 -13.54 6.29 -28.67
CA ALA A 254 -12.39 6.98 -29.29
C ALA A 254 -12.12 8.27 -28.50
N ILE A 255 -10.92 8.82 -28.66
CA ILE A 255 -10.55 10.05 -27.96
C ILE A 255 -11.44 11.24 -28.36
N GLU A 256 -11.97 11.19 -29.59
CA GLU A 256 -12.85 12.26 -30.06
C GLU A 256 -14.19 12.27 -29.30
N ASP A 257 -14.52 11.15 -28.66
CA ASP A 257 -15.75 10.94 -27.90
C ASP A 257 -15.52 11.11 -26.39
N ILE A 258 -14.38 11.69 -26.02
CA ILE A 258 -14.08 11.98 -24.61
C ILE A 258 -14.43 13.45 -24.39
N ALA A 259 -15.43 13.68 -23.54
CA ALA A 259 -15.85 15.05 -23.27
C ALA A 259 -14.75 15.80 -22.50
N HIS A 260 -14.09 15.10 -21.59
CA HIS A 260 -13.11 15.70 -20.71
CA HIS A 260 -13.09 15.70 -20.71
C HIS A 260 -12.12 14.63 -20.23
N ALA A 261 -10.86 15.02 -20.07
CA ALA A 261 -9.84 14.18 -19.47
C ALA A 261 -9.39 14.79 -18.16
N VAL A 262 -9.46 14.03 -17.08
CA VAL A 262 -8.93 14.48 -15.80
C VAL A 262 -7.51 13.91 -15.69
N ILE A 263 -6.54 14.82 -15.60
CA ILE A 263 -5.11 14.45 -15.73
C ILE A 263 -4.31 14.80 -14.47
N PRO A 264 -3.08 14.29 -14.33
CA PRO A 264 -2.24 14.73 -13.22
C PRO A 264 -1.91 16.20 -13.39
N VAL A 265 -1.72 16.90 -12.29
CA VAL A 265 -1.29 18.28 -12.34
C VAL A 265 0.25 18.24 -12.51
N SER A 266 0.68 18.56 -13.70
CA SER A 266 2.09 18.74 -14.02
C SER A 266 2.14 19.55 -15.29
N ARG A 267 3.30 20.15 -15.56
CA ARG A 267 3.39 21.04 -16.71
C ARG A 267 4.86 21.20 -17.11
N ARG A 268 5.14 21.02 -18.39
CA ARG A 268 6.46 21.31 -18.94
C ARG A 268 6.61 22.81 -19.24
N GLY A 269 5.54 23.46 -19.73
CA GLY A 269 5.56 24.92 -19.98
C GLY A 269 6.12 25.31 -21.35
N THR A 270 6.78 24.39 -22.03
CA THR A 270 7.10 24.52 -23.47
C THR A 270 7.07 23.15 -24.14
N GLY A 271 6.87 23.17 -25.45
CA GLY A 271 6.78 21.97 -26.24
C GLY A 271 5.49 21.21 -26.00
N HIS A 272 5.54 19.89 -26.18
CA HIS A 272 4.36 19.06 -26.03
C HIS A 272 4.07 18.75 -24.56
N GLU A 273 2.80 18.92 -24.18
CA GLU A 273 2.31 18.55 -22.85
C GLU A 273 1.54 17.23 -22.94
N LEU A 274 1.08 16.74 -21.80
CA LEU A 274 0.32 15.47 -21.79
C LEU A 274 -0.90 15.48 -22.75
N HIS A 275 -1.58 16.62 -22.85
CA HIS A 275 -2.76 16.71 -23.69
C HIS A 275 -2.44 16.47 -25.18
N ASP A 276 -1.22 16.83 -25.60
CA ASP A 276 -0.78 16.59 -26.95
C ASP A 276 -0.59 15.08 -27.16
N LEU A 277 -0.02 14.40 -26.17
CA LEU A 277 0.11 12.93 -26.26
C LEU A 277 -1.28 12.26 -26.29
N LEU A 278 -2.19 12.77 -25.47
CA LEU A 278 -3.54 12.20 -25.38
C LEU A 278 -4.32 12.44 -26.67
N GLY A 279 -3.97 13.51 -27.39
CA GLY A 279 -4.69 13.89 -28.61
C GLY A 279 -5.95 14.71 -28.35
N LEU A 280 -5.91 15.62 -27.39
CA LEU A 280 -7.04 16.51 -27.22
C LEU A 280 -6.58 17.85 -26.69
N PRO A 281 -7.36 18.90 -26.96
CA PRO A 281 -6.88 20.20 -26.56
C PRO A 281 -6.88 20.42 -25.04
N ASP A 282 -6.08 21.41 -24.66
CA ASP A 282 -5.94 21.89 -23.29
C ASP A 282 -7.28 22.10 -22.61
N GLU A 283 -8.25 22.75 -23.30
CA GLU A 283 -9.54 23.10 -22.67
C GLU A 283 -10.41 21.87 -22.34
N ARG A 284 -10.07 20.72 -22.90
CA ARG A 284 -10.82 19.52 -22.62
C ARG A 284 -10.13 18.64 -21.58
N THR A 285 -9.17 19.21 -20.89
CA THR A 285 -8.56 18.56 -19.74
C THR A 285 -8.89 19.33 -18.48
N SER A 286 -8.51 18.77 -17.34
CA SER A 286 -8.73 19.35 -16.04
C SER A 286 -7.68 20.42 -15.67
N TRP A 287 -6.80 20.81 -16.61
CA TRP A 287 -5.72 21.76 -16.31
C TRP A 287 -6.20 23.08 -15.68
N ALA A 288 -7.32 23.62 -16.16
CA ALA A 288 -7.84 24.91 -15.65
C ALA A 288 -8.19 24.82 -14.17
N TYR A 289 -8.59 23.63 -13.73
CA TYR A 289 -8.78 23.37 -12.33
C TYR A 289 -7.46 23.06 -11.60
N GLY A 290 -6.71 22.12 -12.17
CA GLY A 290 -5.49 21.63 -11.54
C GLY A 290 -4.48 22.73 -11.24
N ARG A 291 -4.44 23.74 -12.11
CA ARG A 291 -3.53 24.85 -11.94
C ARG A 291 -3.92 25.81 -10.80
N THR A 292 -5.09 25.60 -10.19
CA THR A 292 -5.50 26.34 -9.00
C THR A 292 -5.23 25.57 -7.72
N THR A 293 -5.08 24.25 -7.80
CA THR A 293 -4.87 23.42 -6.59
C THR A 293 -3.44 22.93 -6.41
N GLY A 294 -2.70 22.86 -7.52
CA GLY A 294 -1.46 22.16 -7.51
C GLY A 294 -1.72 20.64 -7.51
N HIS A 295 -0.66 19.90 -7.29
CA HIS A 295 -0.68 18.44 -7.39
C HIS A 295 -1.02 17.94 -6.00
N VAL A 296 -2.27 17.50 -5.83
CA VAL A 296 -2.75 17.14 -4.51
C VAL A 296 -2.46 15.65 -4.23
N GLY A 297 -1.17 15.33 -4.08
CA GLY A 297 -0.72 13.95 -3.83
C GLY A 297 -1.24 12.99 -4.88
N ALA A 298 -1.88 11.90 -4.44
CA ALA A 298 -2.42 10.88 -5.34
C ALA A 298 -3.89 11.16 -5.72
N GLY A 299 -4.38 12.35 -5.38
CA GLY A 299 -5.82 12.68 -5.52
C GLY A 299 -6.25 13.57 -6.65
N ASP A 300 -5.38 13.83 -7.63
CA ASP A 300 -5.74 14.78 -8.68
C ASP A 300 -6.91 14.29 -9.50
N GLN A 301 -6.98 12.97 -9.73
CA GLN A 301 -8.03 12.44 -10.58
C GLN A 301 -9.38 12.44 -9.86
N TYR A 302 -9.41 12.02 -8.60
CA TYR A 302 -10.65 12.10 -7.83
C TYR A 302 -11.09 13.55 -7.67
N ALA A 303 -10.16 14.45 -7.34
CA ALA A 303 -10.48 15.86 -7.16
C ALA A 303 -11.01 16.51 -8.45
N GLY A 304 -10.37 16.20 -9.58
CA GLY A 304 -10.78 16.74 -10.87
C GLY A 304 -12.14 16.26 -11.33
N LEU A 305 -12.45 14.98 -11.04
CA LEU A 305 -13.75 14.43 -11.37
C LEU A 305 -14.85 15.11 -10.50
N ALA A 306 -14.55 15.28 -9.21
CA ALA A 306 -15.46 15.99 -8.31
C ALA A 306 -15.74 17.39 -8.85
N HIS A 307 -14.68 18.07 -9.30
CA HIS A 307 -14.86 19.39 -9.88
C HIS A 307 -15.80 19.39 -11.09
N LEU A 308 -15.64 18.42 -11.99
CA LEU A 308 -16.50 18.33 -13.18
C LEU A 308 -17.95 18.15 -12.76
N VAL A 309 -18.18 17.24 -11.82
CA VAL A 309 -19.53 16.85 -11.49
C VAL A 309 -20.21 17.95 -10.67
N GLU A 310 -19.47 18.53 -9.73
CA GLU A 310 -20.03 19.56 -8.86
C GLU A 310 -20.39 20.83 -9.61
N ASN A 311 -19.63 21.14 -10.65
CA ASN A 311 -19.89 22.32 -11.46
C ASN A 311 -20.72 22.04 -12.71
N ALA A 312 -21.35 20.87 -12.76
CA ALA A 312 -22.21 20.47 -13.87
C ALA A 312 -21.53 20.74 -15.22
N LEU A 313 -20.25 20.35 -15.34
CA LEU A 313 -19.47 20.52 -16.59
C LEU A 313 -19.62 19.30 -17.52
N VAL A 314 -20.37 18.30 -17.05
CA VAL A 314 -20.75 17.13 -17.85
C VAL A 314 -22.24 16.83 -17.63
N GLN A 315 -22.82 16.09 -18.57
CA GLN A 315 -24.22 15.70 -18.47
C GLN A 315 -24.34 14.26 -18.91
N PRO A 316 -25.48 13.62 -18.62
CA PRO A 316 -25.62 12.22 -18.97
C PRO A 316 -25.36 11.96 -20.47
N GLY A 317 -24.59 10.92 -20.76
CA GLY A 317 -24.22 10.60 -22.13
C GLY A 317 -22.78 10.95 -22.43
N ASP A 318 -22.20 11.90 -21.69
CA ASP A 318 -20.76 12.21 -21.82
C ASP A 318 -19.88 11.12 -21.27
N ARG A 319 -18.73 10.92 -21.89
CA ARG A 319 -17.70 10.03 -21.36
C ARG A 319 -16.47 10.82 -20.96
N VAL A 320 -15.85 10.41 -19.87
CA VAL A 320 -14.73 11.11 -19.26
C VAL A 320 -13.59 10.13 -19.10
N LEU A 321 -12.38 10.61 -19.40
CA LEU A 321 -11.16 9.82 -19.25
C LEU A 321 -10.48 10.30 -17.99
N LEU A 322 -10.26 9.37 -17.07
CA LEU A 322 -9.48 9.66 -15.88
C LEU A 322 -8.10 9.07 -16.12
N PHE A 323 -7.05 9.87 -15.96
CA PHE A 323 -5.76 9.49 -16.47
C PHE A 323 -4.71 9.70 -15.38
N GLY A 324 -4.03 8.60 -15.05
CA GLY A 324 -3.10 8.55 -13.96
C GLY A 324 -1.67 8.78 -14.38
N GLY A 325 -0.74 8.19 -13.65
CA GLY A 325 0.66 8.43 -13.93
C GLY A 325 1.38 8.77 -12.66
N GLY A 326 2.42 7.98 -12.34
CA GLY A 326 3.22 8.24 -11.18
C GLY A 326 4.54 7.55 -11.22
N ALA A 327 5.50 8.10 -10.46
CA ALA A 327 6.87 7.57 -10.40
C ALA A 327 6.83 6.05 -10.17
N GLY A 328 7.71 5.31 -10.84
CA GLY A 328 7.56 3.85 -10.89
C GLY A 328 8.19 3.25 -12.14
N TYR A 329 7.67 3.56 -13.33
CA TYR A 329 6.57 4.49 -13.57
C TYR A 329 5.32 3.71 -13.95
N THR A 330 4.19 4.07 -13.34
CA THR A 330 2.93 3.36 -13.54
C THR A 330 1.81 4.35 -13.91
N CYS A 331 1.00 3.98 -14.90
CA CYS A 331 -0.12 4.83 -15.33
C CYS A 331 -1.39 4.02 -15.51
N THR A 332 -2.40 4.28 -14.68
CA THR A 332 -3.69 3.63 -14.79
C THR A 332 -4.66 4.68 -15.33
N ALA A 333 -5.39 4.32 -16.37
CA ALA A 333 -6.40 5.18 -16.96
C ALA A 333 -7.76 4.47 -16.83
N ALA A 334 -8.83 5.25 -16.87
CA ALA A 334 -10.20 4.73 -16.79
C ALA A 334 -11.14 5.53 -17.67
N VAL A 335 -12.10 4.85 -18.30
CA VAL A 335 -13.16 5.56 -19.02
C VAL A 335 -14.46 5.39 -18.25
N VAL A 336 -15.11 6.52 -17.93
CA VAL A 336 -16.37 6.49 -17.23
C VAL A 336 -17.44 7.17 -18.09
N GLU A 337 -18.69 6.74 -17.93
CA GLU A 337 -19.82 7.35 -18.64
C GLU A 337 -20.80 7.91 -17.64
N ILE A 338 -21.19 9.16 -17.83
CA ILE A 338 -22.13 9.83 -16.94
C ILE A 338 -23.53 9.29 -17.22
N LEU A 339 -24.13 8.70 -16.18
CA LEU A 339 -25.46 8.12 -16.28
C LEU A 339 -26.51 9.11 -15.75
N ARG A 340 -26.17 9.84 -14.70
CA ARG A 340 -27.07 10.83 -14.10
C ARG A 340 -26.25 11.81 -13.30
N MET A 341 -26.80 12.97 -13.01
CA MET A 341 -26.11 13.92 -12.14
C MET A 341 -26.59 13.80 -10.67
N PRO A 342 -25.66 13.78 -9.68
CA PRO A 342 -26.04 13.63 -8.26
C PRO A 342 -27.04 14.68 -7.75
N MET B 1 -13.70 -16.85 2.77
CA MET B 1 -13.71 -17.03 1.30
C MET B 1 -13.17 -18.42 0.96
N ARG B 2 -13.98 -19.26 0.31
CA ARG B 2 -13.48 -20.52 -0.27
C ARG B 2 -12.88 -20.22 -1.64
N TRP B 3 -11.68 -20.72 -1.90
CA TRP B 3 -11.02 -20.44 -3.18
C TRP B 3 -11.10 -21.65 -4.08
N GLU B 4 -11.65 -21.48 -5.27
CA GLU B 4 -11.81 -22.60 -6.19
C GLU B 4 -10.51 -22.95 -6.89
N ASN B 5 -9.73 -21.92 -7.25
CA ASN B 5 -8.53 -22.08 -8.05
C ASN B 5 -7.46 -21.09 -7.66
N LEU B 6 -6.91 -21.24 -6.46
CA LEU B 6 -5.80 -20.43 -6.00
C LEU B 6 -4.78 -21.37 -5.36
N PHE B 7 -3.53 -21.21 -5.80
CA PHE B 7 -2.43 -22.08 -5.38
C PHE B 7 -1.26 -21.23 -4.92
N VAL B 8 -0.40 -21.81 -4.08
CA VAL B 8 0.91 -21.24 -3.78
C VAL B 8 1.94 -22.02 -4.61
N SER B 9 2.67 -21.27 -5.43
CA SER B 9 3.57 -21.82 -6.44
C SER B 9 4.98 -21.92 -5.89
N GLY B 10 5.39 -20.94 -5.10
CA GLY B 10 6.70 -20.95 -4.47
C GLY B 10 6.70 -20.02 -3.27
N VAL B 11 7.60 -20.28 -2.32
CA VAL B 11 7.77 -19.43 -1.16
C VAL B 11 9.24 -19.43 -0.73
N ALA B 12 9.75 -18.28 -0.31
CA ALA B 12 11.13 -18.15 0.12
C ALA B 12 11.32 -17.03 1.11
N ALA B 13 12.43 -17.08 1.82
CA ALA B 13 12.83 -16.00 2.69
C ALA B 13 14.31 -15.75 2.47
N TRP B 14 14.68 -14.48 2.39
CA TRP B 14 16.09 -14.10 2.41
C TRP B 14 16.36 -13.47 3.77
N LEU B 15 17.13 -14.17 4.60
CA LEU B 15 17.36 -13.73 5.98
C LEU B 15 18.84 -13.53 6.24
N PRO B 16 19.18 -12.39 6.86
CA PRO B 16 20.54 -12.15 7.29
C PRO B 16 20.88 -12.96 8.57
N PRO B 17 22.12 -12.84 9.06
CA PRO B 17 22.53 -13.74 10.15
C PRO B 17 21.80 -13.48 11.46
N LEU B 18 21.68 -14.52 12.26
CA LEU B 18 21.02 -14.36 13.54
C LEU B 18 21.94 -13.68 14.56
N SER B 19 21.31 -13.06 15.56
CA SER B 19 21.96 -12.37 16.66
C SER B 19 21.21 -12.76 17.95
N THR B 20 21.91 -13.32 18.93
CA THR B 20 21.24 -13.94 20.08
C THR B 20 20.79 -12.89 21.10
N ALA B 21 19.64 -13.14 21.72
CA ALA B 21 19.19 -12.32 22.84
C ALA B 21 20.31 -12.27 23.90
N GLN B 22 20.95 -13.41 24.17
CA GLN B 22 21.96 -13.47 25.23
C GLN B 22 23.20 -12.59 24.94
N ASP B 23 23.62 -12.53 23.68
CA ASP B 23 24.64 -11.57 23.28
C ASP B 23 24.15 -10.13 23.49
N ALA B 24 22.87 -9.86 23.19
CA ALA B 24 22.27 -8.55 23.45
C ALA B 24 22.26 -8.18 24.93
N VAL B 25 21.97 -9.17 25.78
CA VAL B 25 22.01 -8.98 27.24
C VAL B 25 23.42 -8.53 27.67
N MET B 26 24.43 -9.29 27.24
CA MET B 26 25.84 -9.02 27.61
C MET B 26 26.38 -7.70 27.02
N ALA B 27 25.80 -7.26 25.91
CA ALA B 27 26.10 -5.94 25.36
C ALA B 27 25.32 -4.77 26.02
N GLY B 28 24.49 -5.05 27.03
CA GLY B 28 23.70 -4.01 27.72
C GLY B 28 22.55 -3.41 26.91
N LEU B 29 22.02 -4.18 25.95
CA LEU B 29 20.95 -3.75 25.06
C LEU B 29 19.60 -4.34 25.44
N LEU B 30 19.60 -5.40 26.24
CA LEU B 30 18.35 -6.10 26.59
C LEU B 30 18.46 -6.54 28.04
N ASP B 31 17.44 -6.20 28.81
CA ASP B 31 17.36 -6.57 30.22
C ASP B 31 17.30 -8.10 30.33
N PRO B 32 18.02 -8.70 31.29
CA PRO B 32 17.95 -10.15 31.49
C PRO B 32 16.54 -10.69 31.80
N ALA B 33 15.76 -9.93 32.57
CA ALA B 33 14.40 -10.33 32.92
C ALA B 33 13.52 -10.41 31.68
N ARG B 34 13.67 -9.44 30.79
CA ARG B 34 12.89 -9.38 29.57
C ARG B 34 13.24 -10.52 28.58
N SER B 35 14.53 -10.81 28.43
CA SER B 35 15.00 -11.89 27.55
C SER B 35 14.44 -13.23 28.00
N LYS B 36 14.41 -13.45 29.31
CA LYS B 36 13.86 -14.66 29.89
C LYS B 36 12.34 -14.73 29.70
N LEU B 37 11.66 -13.60 29.87
CA LEU B 37 10.19 -13.57 29.81
C LEU B 37 9.73 -13.82 28.38
N ARG B 38 10.34 -13.15 27.41
CA ARG B 38 9.83 -13.19 26.06
C ARG B 38 10.17 -14.50 25.39
N GLY B 39 11.29 -15.10 25.79
CA GLY B 39 11.70 -16.42 25.28
C GLY B 39 12.19 -16.41 23.84
N ILE B 40 12.43 -15.23 23.30
CA ILE B 40 13.02 -15.11 21.97
C ILE B 40 14.51 -15.41 22.13
N GLU B 41 14.95 -16.45 21.43
CA GLU B 41 16.32 -16.93 21.53
C GLU B 41 17.26 -16.13 20.63
N SER B 42 16.78 -15.74 19.45
CA SER B 42 17.59 -14.95 18.52
C SER B 42 16.72 -14.22 17.51
N VAL B 43 17.33 -13.21 16.91
CA VAL B 43 16.67 -12.35 15.96
C VAL B 43 17.58 -12.16 14.74
N THR B 44 17.00 -12.08 13.54
CA THR B 44 17.80 -11.84 12.34
C THR B 44 18.18 -10.37 12.24
N VAL B 45 19.43 -10.10 11.87
CA VAL B 45 19.96 -8.74 11.83
C VAL B 45 20.81 -8.54 10.59
N ALA B 46 20.37 -7.64 9.72
CA ALA B 46 21.09 -7.33 8.49
C ALA B 46 22.25 -6.40 8.78
N SER B 47 23.26 -6.43 7.92
CA SER B 47 24.29 -5.39 7.88
C SER B 47 23.67 -4.06 7.46
N ASP B 48 24.40 -2.98 7.65
CA ASP B 48 23.97 -1.67 7.13
C ASP B 48 24.37 -1.40 5.66
N ALA B 49 24.92 -2.40 4.97
CA ALA B 49 25.32 -2.24 3.58
C ALA B 49 24.10 -2.01 2.68
N GLU B 50 24.28 -1.21 1.64
CA GLU B 50 23.19 -0.91 0.71
C GLU B 50 22.54 -2.16 0.14
N GLU B 51 23.33 -3.24 -0.03
CA GLU B 51 22.84 -4.48 -0.64
C GLU B 51 21.83 -5.19 0.25
N ASP B 52 21.79 -4.83 1.54
CA ASP B 52 20.78 -5.36 2.44
C ASP B 52 19.60 -4.43 2.74
N ALA B 53 19.44 -3.36 1.96
CA ALA B 53 18.21 -2.57 2.01
C ALA B 53 16.99 -3.50 1.79
N PRO B 54 15.86 -3.20 2.45
CA PRO B 54 14.71 -4.11 2.36
C PRO B 54 14.24 -4.52 0.95
N PRO B 55 14.21 -3.57 -0.02
CA PRO B 55 13.73 -3.94 -1.36
C PRO B 55 14.69 -4.86 -2.11
N ARG B 56 15.96 -4.82 -1.72
CA ARG B 56 17.00 -5.67 -2.33
CA ARG B 56 16.98 -5.66 -2.33
C ARG B 56 16.96 -7.05 -1.72
N MET B 57 16.78 -7.13 -0.40
CA MET B 57 16.55 -8.42 0.26
C MET B 57 15.27 -9.05 -0.33
N ALA B 58 14.23 -8.23 -0.51
CA ALA B 58 12.96 -8.69 -1.11
C ALA B 58 13.13 -9.19 -2.54
N ALA B 59 13.85 -8.46 -3.38
CA ALA B 59 14.15 -8.97 -4.74
C ALA B 59 14.82 -10.37 -4.71
N ARG B 60 15.74 -10.59 -3.78
CA ARG B 60 16.43 -11.89 -3.76
C ARG B 60 15.48 -12.98 -3.25
N ALA B 61 14.68 -12.69 -2.24
CA ALA B 61 13.67 -13.65 -1.80
C ALA B 61 12.74 -13.97 -2.96
N ALA B 62 12.34 -12.95 -3.70
CA ALA B 62 11.47 -13.13 -4.88
C ALA B 62 12.07 -14.03 -5.93
N ARG B 63 13.34 -13.81 -6.26
CA ARG B 63 14.03 -14.69 -7.23
C ARG B 63 14.04 -16.13 -6.77
N ALA B 64 14.30 -16.33 -5.48
CA ALA B 64 14.39 -17.67 -4.90
C ALA B 64 13.04 -18.37 -5.01
N ALA B 65 11.97 -17.65 -4.68
CA ALA B 65 10.61 -18.18 -4.70
C ALA B 65 10.13 -18.45 -6.12
N LEU B 66 10.45 -17.55 -7.04
CA LEU B 66 10.06 -17.73 -8.44
C LEU B 66 10.73 -18.97 -9.05
N GLY B 67 12.01 -19.21 -8.71
CA GLY B 67 12.72 -20.41 -9.19
C GLY B 67 12.15 -21.72 -8.67
N ARG B 68 11.75 -21.75 -7.40
CA ARG B 68 11.20 -22.94 -6.74
C ARG B 68 9.85 -23.38 -7.28
N GLY B 69 9.10 -22.44 -7.84
CA GLY B 69 7.81 -22.75 -8.48
C GLY B 69 7.91 -22.92 -9.98
N ASP B 70 9.09 -22.69 -10.55
CA ASP B 70 9.28 -22.65 -12.00
C ASP B 70 8.22 -21.76 -12.67
N VAL B 71 8.03 -20.56 -12.11
CA VAL B 71 7.12 -19.57 -12.67
C VAL B 71 7.88 -18.66 -13.62
N ASP B 72 7.42 -18.61 -14.88
CA ASP B 72 7.97 -17.71 -15.89
C ASP B 72 7.60 -16.26 -15.47
N PRO B 73 8.61 -15.36 -15.37
CA PRO B 73 8.32 -13.98 -14.93
C PRO B 73 7.36 -13.23 -15.86
N ALA B 74 7.31 -13.63 -17.13
CA ALA B 74 6.33 -13.12 -18.09
C ALA B 74 4.87 -13.42 -17.69
N ASP B 75 4.65 -14.38 -16.78
CA ASP B 75 3.29 -14.75 -16.37
C ASP B 75 2.85 -14.09 -15.05
N VAL B 76 3.69 -13.23 -14.51
CA VAL B 76 3.38 -12.50 -13.30
C VAL B 76 2.67 -11.21 -13.67
N SER B 77 1.46 -11.01 -13.14
CA SER B 77 0.61 -9.89 -13.53
C SER B 77 0.51 -8.80 -12.43
N LEU B 78 1.10 -9.05 -11.27
CA LEU B 78 0.98 -8.17 -10.13
C LEU B 78 2.13 -8.43 -9.16
N VAL B 79 2.73 -7.34 -8.65
CA VAL B 79 3.62 -7.41 -7.50
C VAL B 79 3.06 -6.55 -6.38
N LEU B 80 2.97 -7.13 -5.19
CA LEU B 80 2.56 -6.40 -4.00
C LEU B 80 3.70 -6.57 -3.01
N HIS B 81 4.26 -5.45 -2.54
CA HIS B 81 5.37 -5.44 -1.58
C HIS B 81 4.87 -4.80 -0.29
N SER B 82 4.79 -5.60 0.78
CA SER B 82 4.28 -5.18 2.09
C SER B 82 5.43 -4.97 3.05
N SER B 83 5.33 -3.93 3.86
CA SER B 83 6.36 -3.60 4.81
C SER B 83 5.80 -2.79 5.98
N LEU B 84 6.62 -2.67 7.03
CA LEU B 84 6.31 -1.93 8.27
C LEU B 84 7.01 -0.59 8.33
N TRP B 85 8.18 -0.48 7.71
CA TRP B 85 9.05 0.67 8.00
C TRP B 85 9.89 1.07 6.78
N PHE B 86 10.83 1.98 7.02
CA PHE B 86 11.63 2.63 5.99
C PHE B 86 12.29 1.64 5.05
N GLN B 87 12.22 1.95 3.75
CA GLN B 87 12.76 1.08 2.71
C GLN B 87 14.12 1.54 2.16
N GLY B 88 14.64 2.65 2.69
CA GLY B 88 16.01 3.05 2.47
C GLY B 88 16.17 4.36 1.75
N ILE B 89 15.16 4.71 0.96
CA ILE B 89 15.10 5.91 0.16
C ILE B 89 13.66 6.39 0.18
N ASP B 90 13.45 7.65 0.53
CA ASP B 90 12.09 8.16 0.64
C ASP B 90 11.63 8.67 -0.71
N LEU B 91 10.34 8.99 -0.81
CA LEU B 91 9.73 9.56 -2.02
C LEU B 91 10.03 8.74 -3.30
N TRP B 92 9.97 7.43 -3.16
CA TRP B 92 10.42 6.51 -4.19
C TRP B 92 9.62 5.22 -4.15
N PRO B 93 9.22 4.69 -5.32
CA PRO B 93 8.42 3.45 -5.38
C PRO B 93 9.24 2.14 -5.19
N ALA B 94 9.49 1.78 -3.94
CA ALA B 94 10.20 0.53 -3.61
C ALA B 94 9.60 -0.70 -4.29
N ALA B 95 8.27 -0.77 -4.39
CA ALA B 95 7.62 -1.90 -5.03
C ALA B 95 8.01 -2.03 -6.50
N SER B 96 8.15 -0.91 -7.21
CA SER B 96 8.56 -0.94 -8.62
C SER B 96 10.00 -1.49 -8.80
N TYR B 97 10.87 -1.17 -7.86
CA TYR B 97 12.23 -1.74 -7.80
C TYR B 97 12.19 -3.26 -7.60
N VAL B 98 11.40 -3.73 -6.61
CA VAL B 98 11.26 -5.16 -6.37
C VAL B 98 10.75 -5.85 -7.62
N ALA B 99 9.72 -5.26 -8.23
CA ALA B 99 9.14 -5.76 -9.47
C ALA B 99 10.15 -5.80 -10.61
N HIS B 100 10.86 -4.70 -10.83
CA HIS B 100 11.83 -4.62 -11.90
C HIS B 100 12.93 -5.68 -11.76
N GLU B 101 13.44 -5.84 -10.54
CA GLU B 101 14.61 -6.71 -10.32
C GLU B 101 14.22 -8.18 -10.36
N ALA B 102 13.03 -8.50 -9.86
CA ALA B 102 12.61 -9.91 -9.72
C ALA B 102 11.75 -10.41 -10.87
N VAL B 103 10.99 -9.52 -11.51
CA VAL B 103 10.02 -9.91 -12.54
C VAL B 103 10.26 -9.17 -13.85
N GLY B 104 10.27 -7.85 -13.84
CA GLY B 104 10.52 -7.12 -15.08
C GLY B 104 9.86 -5.77 -15.16
N ARG B 105 9.88 -5.22 -16.36
CA ARG B 105 9.47 -3.85 -16.61
C ARG B 105 7.96 -3.66 -16.60
N HIS B 106 7.20 -4.63 -17.10
CA HIS B 106 5.80 -4.37 -17.43
C HIS B 106 4.79 -5.07 -16.54
N VAL B 107 5.07 -5.07 -15.24
CA VAL B 107 4.15 -5.61 -14.24
C VAL B 107 3.77 -4.50 -13.25
N PRO B 108 2.45 -4.28 -13.05
CA PRO B 108 2.02 -3.29 -12.06
C PRO B 108 2.47 -3.70 -10.66
N ALA B 109 3.02 -2.76 -9.90
CA ALA B 109 3.51 -3.01 -8.57
C ALA B 109 2.96 -1.99 -7.58
N PHE B 110 2.53 -2.45 -6.42
CA PHE B 110 2.02 -1.60 -5.36
C PHE B 110 2.75 -1.88 -4.07
N GLY B 111 3.04 -0.84 -3.31
CA GLY B 111 3.40 -0.98 -1.89
C GLY B 111 2.13 -1.13 -1.05
N LEU B 112 2.19 -2.03 -0.08
CA LEU B 112 1.07 -2.27 0.83
C LEU B 112 1.47 -2.02 2.29
N ALA B 113 0.57 -1.34 3.00
CA ALA B 113 0.69 -1.06 4.42
C ALA B 113 -0.54 -1.60 5.14
N GLN B 114 -0.37 -2.71 5.85
CA GLN B 114 -1.37 -3.20 6.79
C GLN B 114 -0.63 -3.75 8.02
N ARG B 115 0.39 -2.98 8.44
CA ARG B 115 1.30 -3.35 9.54
C ARG B 115 1.71 -4.82 9.43
N CYS B 116 1.72 -5.53 10.55
CA CYS B 116 2.22 -6.91 10.56
C CYS B 116 1.32 -7.86 9.76
N ASN B 117 0.11 -7.42 9.43
CA ASN B 117 -0.80 -8.24 8.62
C ASN B 117 -0.60 -8.16 7.10
N GLY B 118 0.27 -7.27 6.63
CA GLY B 118 0.44 -7.02 5.20
C GLY B 118 0.62 -8.25 4.33
N GLY B 119 1.43 -9.19 4.81
CA GLY B 119 1.71 -10.41 4.06
C GLY B 119 0.44 -11.22 3.82
N MET B 120 -0.36 -11.37 4.86
CA MET B 120 -1.56 -12.19 4.75
C MET B 120 -2.67 -11.45 4.01
N GLY B 121 -2.87 -10.17 4.33
CA GLY B 121 -3.84 -9.36 3.60
C GLY B 121 -3.58 -9.32 2.09
N ALA B 122 -2.30 -9.30 1.72
CA ALA B 122 -1.94 -9.27 0.32
C ALA B 122 -2.46 -10.50 -0.43
N ILE B 123 -2.58 -11.63 0.26
CA ILE B 123 -3.07 -12.83 -0.43
C ILE B 123 -4.49 -12.63 -0.97
N GLU B 124 -5.37 -12.02 -0.17
CA GLU B 124 -6.74 -11.75 -0.62
C GLU B 124 -6.81 -10.74 -1.76
N LEU B 125 -6.11 -9.61 -1.61
CA LEU B 125 -6.06 -8.60 -2.67
C LEU B 125 -5.50 -9.19 -3.98
N ALA B 126 -4.41 -9.95 -3.90
CA ALA B 126 -3.82 -10.57 -5.10
C ALA B 126 -4.68 -11.69 -5.66
N GLY B 127 -5.24 -12.54 -4.81
CA GLY B 127 -6.22 -13.53 -5.25
C GLY B 127 -7.37 -12.94 -6.08
N ALA B 128 -7.95 -11.84 -5.58
CA ALA B 128 -9.01 -11.15 -6.29
C ALA B 128 -8.52 -10.65 -7.64
N TYR B 129 -7.36 -10.02 -7.65
CA TYR B 129 -6.79 -9.45 -8.87
C TYR B 129 -6.60 -10.52 -9.95
N LEU B 130 -6.02 -11.66 -9.56
CA LEU B 130 -5.75 -12.74 -10.51
C LEU B 130 -7.03 -13.33 -11.08
N GLY B 131 -8.08 -13.39 -10.26
CA GLY B 131 -9.37 -13.88 -10.70
C GLY B 131 -10.19 -12.94 -11.55
N SER B 132 -9.74 -11.69 -11.71
CA SER B 132 -10.62 -10.65 -12.24
C SER B 132 -10.60 -10.49 -13.75
N GLY B 133 -9.51 -10.91 -14.40
CA GLY B 133 -9.37 -10.69 -15.83
C GLY B 133 -8.58 -9.46 -16.23
N ILE B 134 -8.11 -8.68 -15.24
CA ILE B 134 -7.35 -7.45 -15.52
C ILE B 134 -6.05 -7.75 -16.30
N GLY B 135 -5.23 -8.68 -15.78
CA GLY B 135 -3.97 -9.07 -16.44
C GLY B 135 -4.09 -10.43 -17.11
N ALA B 136 -3.22 -10.70 -18.08
CA ALA B 136 -3.20 -12.00 -18.77
C ALA B 136 -2.55 -13.08 -17.92
N GLY B 137 -1.51 -12.72 -17.17
CA GLY B 137 -0.74 -13.69 -16.39
C GLY B 137 -1.55 -14.46 -15.39
N HIS B 138 -1.02 -15.57 -14.89
CA HIS B 138 -1.71 -16.39 -13.90
C HIS B 138 -1.13 -16.27 -12.48
N ALA B 139 -0.06 -15.49 -12.30
CA ALA B 139 0.64 -15.45 -11.02
C ALA B 139 0.78 -14.05 -10.48
N ALA B 140 0.94 -13.97 -9.16
CA ALA B 140 1.19 -12.73 -8.45
C ALA B 140 2.40 -12.96 -7.59
N LEU B 141 3.30 -11.99 -7.57
CA LEU B 141 4.41 -12.04 -6.65
C LEU B 141 4.11 -11.15 -5.46
N LEU B 142 4.16 -11.74 -4.28
CA LEU B 142 3.93 -11.04 -3.03
C LEU B 142 5.24 -11.03 -2.25
N THR B 143 5.75 -9.85 -1.87
CA THR B 143 6.97 -9.77 -1.06
C THR B 143 6.77 -8.99 0.22
N THR B 144 7.72 -9.17 1.13
CA THR B 144 7.85 -8.38 2.32
C THR B 144 9.32 -8.03 2.49
N GLY B 145 9.59 -6.97 3.23
CA GLY B 145 10.95 -6.56 3.47
C GLY B 145 11.03 -5.46 4.49
N ASP B 146 11.86 -5.65 5.51
CA ASP B 146 12.19 -4.60 6.45
C ASP B 146 13.60 -4.80 7.00
N ARG B 147 14.19 -3.68 7.42
CA ARG B 147 15.49 -3.70 8.10
C ARG B 147 15.47 -2.57 9.11
N PHE B 148 15.38 -2.95 10.38
CA PHE B 148 15.16 -1.99 11.45
C PHE B 148 16.49 -1.42 11.91
N ALA B 149 16.49 -0.14 12.25
CA ALA B 149 17.70 0.50 12.71
C ALA B 149 17.38 1.65 13.66
N GLY B 150 18.35 1.99 14.50
CA GLY B 150 18.26 3.10 15.43
C GLY B 150 18.58 4.40 14.70
N PRO B 151 18.26 5.57 15.31
CA PRO B 151 17.70 5.68 16.66
C PRO B 151 16.20 5.32 16.78
N ARG B 152 15.42 5.43 15.70
CA ARG B 152 13.96 5.20 15.83
C ARG B 152 13.58 3.82 16.36
N ILE B 153 14.18 2.77 15.81
CA ILE B 153 13.85 1.39 16.20
C ILE B 153 14.93 0.72 17.05
N ASP B 154 14.53 0.27 18.24
CA ASP B 154 15.32 -0.63 19.07
C ASP B 154 14.66 -2.00 18.94
N ARG B 155 15.26 -2.89 18.13
CA ARG B 155 14.66 -4.19 17.83
C ARG B 155 14.34 -5.00 19.09
N TRP B 156 15.16 -4.83 20.13
CA TRP B 156 15.05 -5.60 21.37
C TRP B 156 13.94 -5.12 22.30
N ASN B 157 13.58 -3.85 22.19
CA ASN B 157 12.68 -3.22 23.18
C ASN B 157 11.52 -2.37 22.63
N SER B 158 11.57 -1.96 21.37
CA SER B 158 10.57 -1.04 20.81
C SER B 158 9.14 -1.58 20.74
N VAL B 159 8.96 -2.89 20.88
CA VAL B 159 7.62 -3.47 21.00
C VAL B 159 7.68 -4.41 22.18
N ASP B 160 6.70 -4.34 23.07
CA ASP B 160 6.81 -5.11 24.30
C ASP B 160 6.65 -6.61 24.06
N VAL B 161 5.73 -7.02 23.17
CA VAL B 161 5.40 -8.45 23.01
C VAL B 161 6.33 -9.24 22.07
N THR B 162 7.15 -8.54 21.29
CA THR B 162 8.09 -9.21 20.40
C THR B 162 9.38 -8.41 20.21
N MET B 163 10.28 -8.95 19.40
CA MET B 163 11.56 -8.30 19.11
C MET B 163 11.72 -8.44 17.61
N TYR B 164 12.18 -7.36 16.95
CA TYR B 164 12.18 -7.32 15.51
C TYR B 164 13.37 -8.02 14.88
N GLY B 165 13.09 -8.72 13.77
CA GLY B 165 14.10 -9.28 12.89
C GLY B 165 14.08 -8.63 11.51
N ASP B 166 15.26 -8.46 10.93
CA ASP B 166 15.40 -7.97 9.58
C ASP B 166 15.32 -9.11 8.58
N GLY B 167 14.94 -8.76 7.36
CA GLY B 167 14.83 -9.70 6.28
C GLY B 167 13.61 -9.53 5.41
N ALA B 168 13.55 -10.40 4.40
CA ALA B 168 12.50 -10.41 3.39
C ALA B 168 11.96 -11.83 3.15
N ALA B 169 10.71 -11.89 2.71
CA ALA B 169 10.12 -13.11 2.27
C ALA B 169 9.32 -12.86 0.99
N ALA B 170 9.00 -13.95 0.30
CA ALA B 170 8.30 -13.89 -0.96
C ALA B 170 7.36 -15.08 -1.07
N LEU B 171 6.18 -14.84 -1.63
CA LEU B 171 5.17 -15.88 -1.87
C LEU B 171 4.59 -15.62 -3.25
N VAL B 172 4.66 -16.64 -4.09
CA VAL B 172 4.14 -16.58 -5.45
C VAL B 172 2.81 -17.33 -5.49
N LEU B 173 1.73 -16.60 -5.79
CA LEU B 173 0.41 -17.21 -5.96
C LEU B 173 0.19 -17.50 -7.42
N SER B 174 -0.65 -18.51 -7.67
CA SER B 174 -1.02 -18.87 -9.02
C SER B 174 -2.46 -19.36 -9.04
N THR B 175 -3.16 -19.07 -10.13
CA THR B 175 -4.50 -19.61 -10.36
C THR B 175 -4.44 -20.90 -11.17
N ARG B 176 -3.24 -21.26 -11.65
CA ARG B 176 -3.08 -22.43 -12.50
C ARG B 176 -2.70 -23.66 -11.67
N ASP B 177 -1.61 -23.57 -10.91
CA ASP B 177 -1.12 -24.71 -10.13
C ASP B 177 -0.02 -24.27 -9.16
N GLY B 178 0.35 -25.17 -8.25
CA GLY B 178 1.49 -24.97 -7.37
C GLY B 178 1.62 -26.12 -6.40
N PHE B 179 2.64 -26.08 -5.57
CA PHE B 179 2.89 -27.17 -4.62
C PHE B 179 1.86 -27.20 -3.49
N ALA B 180 1.24 -26.04 -3.19
CA ALA B 180 0.15 -25.98 -2.21
C ALA B 180 -1.08 -25.37 -2.83
N ARG B 181 -2.25 -25.82 -2.38
CA ARG B 181 -3.52 -25.20 -2.74
C ARG B 181 -4.01 -24.30 -1.61
N VAL B 182 -4.40 -23.07 -1.93
CA VAL B 182 -5.09 -22.23 -0.95
C VAL B 182 -6.58 -22.59 -0.95
N LEU B 183 -7.04 -23.20 0.14
CA LEU B 183 -8.42 -23.63 0.26
C LEU B 183 -9.33 -22.50 0.71
N SER B 184 -8.82 -21.65 1.61
CA SER B 184 -9.61 -20.54 2.15
C SER B 184 -8.74 -19.37 2.63
N THR B 185 -9.35 -18.18 2.65
CA THR B 185 -8.84 -17.04 3.42
C THR B 185 -10.01 -16.41 4.19
N ALA B 186 -9.70 -15.72 5.28
CA ALA B 186 -10.71 -14.99 6.07
C ALA B 186 -10.03 -13.88 6.86
N THR B 187 -10.63 -12.68 6.83
CA THR B 187 -10.11 -11.52 7.57
C THR B 187 -11.08 -11.13 8.67
N GLY B 188 -10.55 -10.95 9.89
CA GLY B 188 -11.29 -10.31 10.97
C GLY B 188 -10.65 -8.95 11.13
N VAL B 189 -11.44 -7.97 11.54
CA VAL B 189 -10.93 -6.61 11.64
C VAL B 189 -11.74 -5.80 12.63
N ASP B 190 -11.05 -4.95 13.38
CA ASP B 190 -11.71 -4.01 14.28
C ASP B 190 -10.87 -2.75 14.28
N ASN B 191 -11.26 -1.79 13.46
CA ASN B 191 -10.47 -0.59 13.28
C ASN B 191 -10.53 0.32 14.50
N SER B 192 -11.38 0.00 15.49
CA SER B 192 -11.36 0.81 16.72
C SER B 192 -10.03 0.68 17.45
N LEU B 193 -9.30 -0.40 17.18
CA LEU B 193 -8.06 -0.67 17.90
C LEU B 193 -6.87 0.10 17.30
N GLU B 194 -7.09 0.83 16.21
CA GLU B 194 -6.03 1.71 15.64
C GLU B 194 -5.45 2.67 16.68
N ILE B 195 -6.27 3.07 17.64
CA ILE B 195 -5.81 3.97 18.69
C ILE B 195 -4.66 3.38 19.55
N LEU B 196 -4.67 2.06 19.77
CA LEU B 196 -3.57 1.38 20.48
C LEU B 196 -2.21 1.52 19.79
N ALA B 197 -2.22 1.75 18.47
CA ALA B 197 -0.99 1.85 17.67
C ALA B 197 -0.45 3.28 17.60
N ARG B 198 -1.24 4.21 18.10
CA ARG B 198 -0.97 5.63 18.03
C ARG B 198 -0.76 6.23 19.42
N GLY B 199 -1.42 5.67 20.44
CA GLY B 199 -1.33 6.22 21.79
C GLY B 199 -1.81 7.65 21.87
N ASP B 200 -1.11 8.51 22.60
CA ASP B 200 -1.42 9.94 22.60
C ASP B 200 -0.41 10.76 21.76
N GLU B 201 0.26 10.10 20.81
CA GLU B 201 1.16 10.76 19.87
C GLU B 201 0.33 11.77 19.07
N PRO B 202 0.70 13.06 19.10
CA PRO B 202 -0.05 14.02 18.29
C PRO B 202 0.29 13.91 16.82
N PHE B 203 -0.65 14.27 15.96
CA PHE B 203 -0.36 14.34 14.53
C PHE B 203 0.61 15.51 14.36
N ALA B 204 1.78 15.25 13.78
CA ALA B 204 2.79 16.28 13.54
C ALA B 204 2.79 16.64 12.05
N PRO B 205 3.09 17.89 11.72
CA PRO B 205 3.18 18.26 10.29
C PRO B 205 4.34 17.60 9.56
N HIS B 206 5.40 17.25 10.28
CA HIS B 206 6.62 16.71 9.67
C HIS B 206 7.14 15.64 10.61
N PRO B 207 7.80 14.59 10.06
CA PRO B 207 8.45 13.62 10.94
C PRO B 207 9.29 14.31 12.02
N VAL B 208 9.16 13.83 13.27
CA VAL B 208 9.85 14.41 14.43
C VAL B 208 11.34 14.10 14.30
N GLU B 209 12.17 15.12 14.38
CA GLU B 209 13.61 15.00 14.16
C GLU B 209 14.36 15.76 15.27
N PRO B 210 15.41 15.14 15.85
CA PRO B 210 15.85 13.76 15.66
C PRO B 210 14.79 12.74 16.09
N SER B 211 14.81 11.53 15.56
CA SER B 211 13.82 10.51 15.94
C SER B 211 14.15 10.04 17.37
N PRO B 212 13.16 10.06 18.27
CA PRO B 212 13.37 9.39 19.55
C PRO B 212 13.17 7.90 19.35
N VAL B 213 13.62 7.11 20.31
CA VAL B 213 13.43 5.68 20.24
C VAL B 213 11.93 5.40 20.35
N ALA B 214 11.43 4.55 19.46
CA ALA B 214 10.06 4.13 19.48
C ALA B 214 9.80 3.23 20.68
N ASP B 215 8.66 3.46 21.32
CA ASP B 215 8.16 2.63 22.40
C ASP B 215 6.68 2.35 22.14
N LEU B 216 6.44 1.28 21.39
CA LEU B 216 5.09 0.87 21.03
C LEU B 216 4.34 0.23 22.20
N GLY B 217 5.06 -0.33 23.16
CA GLY B 217 4.43 -0.82 24.41
C GLY B 217 3.70 0.31 25.15
N THR B 218 4.36 1.44 25.28
CA THR B 218 3.76 2.61 25.92
C THR B 218 2.61 3.22 25.10
N ARG B 219 2.70 3.20 23.77
CA ARG B 219 1.56 3.61 22.94
C ARG B 219 0.30 2.80 23.26
N THR B 220 0.44 1.48 23.38
CA THR B 220 -0.69 0.61 23.76
C THR B 220 -1.33 1.03 25.09
N VAL B 221 -0.51 1.32 26.09
CA VAL B 221 -1.03 1.72 27.40
C VAL B 221 -1.71 3.08 27.32
N ARG B 222 -1.07 4.06 26.68
CA ARG B 222 -1.65 5.40 26.51
C ARG B 222 -2.94 5.35 25.68
N GLY B 223 -2.91 4.55 24.61
CA GLY B 223 -4.07 4.32 23.75
C GLY B 223 -5.26 3.69 24.43
N ALA B 224 -5.01 2.63 25.22
CA ALA B 224 -6.08 1.99 25.96
C ALA B 224 -6.78 3.01 26.88
N GLU B 225 -5.97 3.85 27.55
CA GLU B 225 -6.48 4.91 28.45
C GLU B 225 -7.37 5.87 27.69
N LEU B 226 -6.87 6.38 26.57
CA LEU B 226 -7.62 7.36 25.79
C LEU B 226 -8.92 6.76 25.26
N ALA B 227 -8.87 5.49 24.86
CA ALA B 227 -10.03 4.80 24.30
C ALA B 227 -11.10 4.52 25.37
N ASP B 228 -10.65 4.13 26.57
CA ASP B 228 -11.54 3.85 27.71
C ASP B 228 -12.72 2.96 27.32
N LEU B 229 -12.41 1.77 26.79
CA LEU B 229 -13.40 0.78 26.41
C LEU B 229 -13.37 -0.36 27.42
N PRO B 230 -14.54 -0.84 27.87
CA PRO B 230 -14.54 -1.89 28.89
C PRO B 230 -14.24 -3.29 28.33
N ASP B 231 -14.27 -3.43 27.00
CA ASP B 231 -14.15 -4.73 26.37
C ASP B 231 -12.99 -4.78 25.37
N LEU B 232 -11.96 -3.95 25.60
CA LEU B 232 -10.86 -3.80 24.65
C LEU B 232 -10.21 -5.14 24.30
N THR B 233 -9.88 -5.90 25.34
CA THR B 233 -9.25 -7.20 25.17
C THR B 233 -10.19 -8.18 24.44
N HIS B 234 -11.50 -8.10 24.71
CA HIS B 234 -12.50 -8.92 24.02
C HIS B 234 -12.61 -8.61 22.52
N ARG B 235 -12.49 -7.35 22.16
CA ARG B 235 -12.49 -6.96 20.75
C ARG B 235 -11.33 -7.62 20.01
N TYR B 236 -10.15 -7.61 20.61
CA TYR B 236 -8.98 -8.25 20.01
C TYR B 236 -9.21 -9.75 19.87
N ILE B 237 -9.54 -10.42 20.98
CA ILE B 237 -9.83 -11.86 20.97
C ILE B 237 -10.88 -12.23 19.92
N ASP B 238 -11.98 -11.48 19.88
CA ASP B 238 -13.11 -11.80 19.01
C ASP B 238 -12.75 -11.78 17.51
N LEU B 239 -11.93 -10.83 17.08
CA LEU B 239 -11.61 -10.75 15.67
C LEU B 239 -10.61 -11.86 15.28
N LEU B 240 -9.77 -12.28 16.24
CA LEU B 240 -8.84 -13.39 15.99
C LEU B 240 -9.62 -14.70 15.86
N VAL B 241 -10.55 -14.91 16.79
CA VAL B 241 -11.41 -16.11 16.79
C VAL B 241 -12.30 -16.16 15.54
N ALA B 242 -12.79 -15.02 15.07
CA ALA B 242 -13.58 -14.95 13.84
C ALA B 242 -12.74 -15.26 12.58
N ALA B 243 -11.51 -14.77 12.55
CA ALA B 243 -10.62 -15.07 11.44
C ALA B 243 -10.38 -16.57 11.38
N LYS B 244 -10.05 -17.13 12.54
CA LYS B 244 -9.80 -18.56 12.69
C LYS B 244 -11.00 -19.39 12.27
N THR B 245 -12.16 -19.10 12.84
CA THR B 245 -13.35 -19.94 12.60
C THR B 245 -13.73 -19.95 11.11
N GLN B 246 -13.78 -18.78 10.50
CA GLN B 246 -14.20 -18.68 9.10
C GLN B 246 -13.16 -19.31 8.15
N ALA B 247 -11.88 -19.10 8.40
CA ALA B 247 -10.85 -19.76 7.60
C ALA B 247 -11.05 -21.27 7.66
N LEU B 248 -11.14 -21.80 8.87
CA LEU B 248 -11.27 -23.23 9.07
C LEU B 248 -12.51 -23.80 8.35
N GLU B 249 -13.67 -23.15 8.48
CA GLU B 249 -14.87 -23.74 7.89
C GLU B 249 -15.05 -23.44 6.39
N ASP B 250 -14.45 -22.37 5.87
CA ASP B 250 -14.42 -22.20 4.41
C ASP B 250 -13.49 -23.24 3.74
N ALA B 251 -12.54 -23.75 4.52
CA ALA B 251 -11.65 -24.84 4.09
C ALA B 251 -12.19 -26.23 4.44
N GLY B 252 -13.35 -26.27 5.10
CA GLY B 252 -13.98 -27.54 5.51
C GLY B 252 -13.09 -28.39 6.41
N THR B 253 -12.29 -27.72 7.24
CA THR B 253 -11.25 -28.35 8.02
C THR B 253 -11.45 -28.03 9.50
N ALA B 254 -11.41 -29.06 10.34
CA ALA B 254 -11.40 -28.87 11.81
C ALA B 254 -9.98 -28.59 12.29
N ILE B 255 -9.86 -28.02 13.49
CA ILE B 255 -8.55 -27.63 14.06
C ILE B 255 -7.60 -28.83 14.31
N GLU B 256 -8.14 -29.98 14.70
CA GLU B 256 -7.31 -31.16 14.96
C GLU B 256 -6.80 -31.84 13.66
N ASP B 257 -7.30 -31.39 12.51
CA ASP B 257 -6.77 -31.77 11.19
C ASP B 257 -5.80 -30.73 10.60
N ILE B 258 -5.48 -29.69 11.36
CA ILE B 258 -4.44 -28.77 10.96
C ILE B 258 -3.12 -29.37 11.46
N ALA B 259 -2.20 -29.64 10.54
CA ALA B 259 -0.90 -30.20 10.89
C ALA B 259 0.00 -29.17 11.60
N HIS B 260 -0.08 -27.91 11.16
CA HIS B 260 0.81 -26.86 11.67
C HIS B 260 0.12 -25.50 11.49
N ALA B 261 0.34 -24.59 12.43
CA ALA B 261 -0.08 -23.20 12.30
C ALA B 261 1.17 -22.32 12.23
N VAL B 262 1.32 -21.53 11.16
CA VAL B 262 2.36 -20.50 11.13
C VAL B 262 1.76 -19.18 11.63
N ILE B 263 2.34 -18.68 12.72
CA ILE B 263 1.74 -17.57 13.48
C ILE B 263 2.72 -16.41 13.54
N PRO B 264 2.24 -15.23 13.95
CA PRO B 264 3.17 -14.13 14.14
C PRO B 264 4.10 -14.38 15.32
N VAL B 265 5.32 -13.88 15.24
CA VAL B 265 6.28 -14.03 16.29
C VAL B 265 5.95 -13.03 17.39
N SER B 266 5.40 -13.54 18.47
CA SER B 266 5.17 -12.75 19.67
C SER B 266 5.05 -13.69 20.85
N ARG B 267 5.12 -13.12 22.05
CA ARG B 267 4.98 -13.91 23.23
C ARG B 267 4.78 -13.06 24.47
N ARG B 268 3.75 -13.43 25.22
CA ARG B 268 3.39 -12.74 26.45
C ARG B 268 4.28 -13.24 27.59
N GLY B 269 4.52 -14.56 27.67
CA GLY B 269 5.49 -15.12 28.63
C GLY B 269 4.88 -15.78 29.86
N THR B 270 3.70 -15.31 30.25
CA THR B 270 2.92 -15.93 31.32
C THR B 270 1.48 -15.91 30.84
N GLY B 271 0.65 -16.74 31.46
CA GLY B 271 -0.75 -16.87 31.06
C GLY B 271 -0.89 -17.49 29.68
N HIS B 272 -1.99 -17.16 29.00
CA HIS B 272 -2.31 -17.74 27.70
C HIS B 272 -1.41 -17.17 26.61
N GLU B 273 -1.26 -17.94 25.55
CA GLU B 273 -0.60 -17.47 24.34
C GLU B 273 -1.59 -17.72 23.20
N LEU B 274 -1.27 -17.19 22.02
CA LEU B 274 -2.18 -17.30 20.87
C LEU B 274 -2.61 -18.73 20.59
N HIS B 275 -1.70 -19.70 20.76
CA HIS B 275 -2.02 -21.11 20.49
C HIS B 275 -3.19 -21.64 21.34
N ASP B 276 -3.39 -21.07 22.53
CA ASP B 276 -4.55 -21.43 23.35
C ASP B 276 -5.85 -20.95 22.69
N LEU B 277 -5.85 -19.71 22.20
CA LEU B 277 -7.00 -19.17 21.46
C LEU B 277 -7.25 -19.93 20.14
N LEU B 278 -6.19 -20.39 19.47
CA LEU B 278 -6.34 -21.15 18.23
C LEU B 278 -6.81 -22.59 18.51
N GLY B 279 -6.51 -23.07 19.71
CA GLY B 279 -6.95 -24.38 20.17
C GLY B 279 -6.01 -25.46 19.69
N LEU B 280 -4.71 -25.19 19.67
CA LEU B 280 -3.74 -26.21 19.29
C LEU B 280 -2.44 -26.01 20.08
N PRO B 281 -1.70 -27.11 20.31
CA PRO B 281 -0.52 -27.01 21.17
C PRO B 281 0.63 -26.20 20.55
N ASP B 282 1.51 -25.74 21.43
CA ASP B 282 2.65 -24.92 21.08
C ASP B 282 3.57 -25.53 20.03
N GLU B 283 3.67 -26.86 20.02
CA GLU B 283 4.58 -27.60 19.15
C GLU B 283 3.97 -27.81 17.77
N ARG B 284 2.69 -27.52 17.63
CA ARG B 284 2.03 -27.54 16.33
C ARG B 284 1.92 -26.12 15.78
N THR B 285 2.67 -25.18 16.36
CA THR B 285 2.85 -23.84 15.76
C THR B 285 4.32 -23.61 15.40
N SER B 286 4.56 -22.51 14.69
CA SER B 286 5.90 -22.12 14.22
C SER B 286 6.80 -21.47 15.31
N TRP B 287 6.37 -21.43 16.56
CA TRP B 287 7.11 -20.72 17.62
C TRP B 287 8.58 -21.15 17.72
N ALA B 288 8.85 -22.46 17.70
CA ALA B 288 10.21 -23.00 17.75
C ALA B 288 11.12 -22.38 16.65
N TYR B 289 10.54 -22.10 15.49
CA TYR B 289 11.26 -21.36 14.43
C TYR B 289 11.25 -19.85 14.69
N GLY B 290 10.05 -19.29 14.91
CA GLY B 290 9.87 -17.85 15.09
C GLY B 290 10.74 -17.28 16.18
N ARG B 291 10.99 -18.07 17.21
CA ARG B 291 11.79 -17.62 18.33
C ARG B 291 13.28 -17.53 17.98
N THR B 292 13.69 -18.01 16.79
CA THR B 292 15.05 -17.85 16.30
C THR B 292 15.22 -16.70 15.27
N THR B 293 14.12 -16.21 14.71
CA THR B 293 14.19 -15.13 13.70
C THR B 293 13.74 -13.77 14.22
N GLY B 294 12.92 -13.77 15.27
CA GLY B 294 12.22 -12.56 15.68
C GLY B 294 11.04 -12.31 14.76
N HIS B 295 10.36 -11.19 14.97
CA HIS B 295 9.26 -10.75 14.14
C HIS B 295 9.79 -10.04 12.85
N VAL B 296 9.72 -10.74 11.72
CA VAL B 296 10.40 -10.31 10.49
C VAL B 296 9.46 -9.43 9.63
N GLY B 297 9.11 -8.28 10.19
CA GLY B 297 8.20 -7.32 9.57
C GLY B 297 6.87 -7.95 9.27
N ALA B 298 6.43 -7.86 8.02
CA ALA B 298 5.18 -8.46 7.56
C ALA B 298 5.35 -9.87 7.02
N GLY B 299 6.53 -10.45 7.16
CA GLY B 299 6.87 -11.70 6.48
C GLY B 299 6.91 -12.99 7.30
N ASP B 300 6.45 -12.94 8.55
CA ASP B 300 6.53 -14.11 9.44
C ASP B 300 5.79 -15.32 8.88
N GLN B 301 4.66 -15.09 8.21
CA GLN B 301 3.90 -16.22 7.72
C GLN B 301 4.58 -16.85 6.50
N TYR B 302 5.06 -16.01 5.58
CA TYR B 302 5.79 -16.49 4.39
C TYR B 302 7.03 -17.28 4.82
N ALA B 303 7.82 -16.69 5.73
CA ALA B 303 9.05 -17.31 6.23
C ALA B 303 8.82 -18.62 6.93
N GLY B 304 7.75 -18.68 7.71
CA GLY B 304 7.43 -19.86 8.49
C GLY B 304 7.00 -21.01 7.61
N LEU B 305 6.25 -20.68 6.55
CA LEU B 305 5.85 -21.69 5.55
C LEU B 305 7.07 -22.15 4.76
N ALA B 306 7.96 -21.22 4.41
CA ALA B 306 9.21 -21.60 3.74
C ALA B 306 10.01 -22.59 4.59
N HIS B 307 10.15 -22.29 5.88
CA HIS B 307 10.85 -23.17 6.82
C HIS B 307 10.21 -24.57 6.88
N LEU B 308 8.88 -24.64 6.88
CA LEU B 308 8.17 -25.92 6.90
C LEU B 308 8.48 -26.75 5.66
N VAL B 309 8.40 -26.09 4.51
CA VAL B 309 8.55 -26.78 3.22
C VAL B 309 10.01 -27.18 2.99
N GLU B 310 10.95 -26.26 3.23
CA GLU B 310 12.36 -26.50 2.96
C GLU B 310 12.95 -27.61 3.81
N ASN B 311 12.44 -27.77 5.02
CA ASN B 311 12.91 -28.80 5.94
C ASN B 311 11.99 -30.03 6.00
N ALA B 312 11.15 -30.20 4.97
CA ALA B 312 10.22 -31.33 4.86
C ALA B 312 9.49 -31.65 6.16
N LEU B 313 9.01 -30.61 6.86
CA LEU B 313 8.27 -30.77 8.12
C LEU B 313 6.76 -30.92 7.89
N VAL B 314 6.36 -30.99 6.62
CA VAL B 314 4.97 -31.27 6.24
C VAL B 314 5.06 -32.19 5.05
N GLN B 315 4.01 -32.98 4.84
CA GLN B 315 3.95 -33.92 3.73
C GLN B 315 2.69 -33.66 2.90
N PRO B 316 2.62 -34.20 1.68
CA PRO B 316 1.40 -34.03 0.89
C PRO B 316 0.16 -34.46 1.67
N GLY B 317 -0.92 -33.68 1.56
CA GLY B 317 -2.16 -33.95 2.28
C GLY B 317 -2.31 -33.15 3.56
N ASP B 318 -1.20 -32.69 4.13
CA ASP B 318 -1.22 -31.84 5.33
C ASP B 318 -1.91 -30.54 4.99
N ARG B 319 -2.58 -29.99 6.00
CA ARG B 319 -3.21 -28.68 5.90
C ARG B 319 -2.55 -27.77 6.91
N VAL B 320 -2.16 -26.59 6.47
CA VAL B 320 -1.46 -25.62 7.30
C VAL B 320 -2.35 -24.39 7.49
N LEU B 321 -2.44 -23.90 8.71
CA LEU B 321 -3.11 -22.64 9.01
C LEU B 321 -2.04 -21.57 8.99
N LEU B 322 -2.18 -20.58 8.10
CA LEU B 322 -1.31 -19.39 8.12
C LEU B 322 -2.13 -18.30 8.80
N PHE B 323 -1.59 -17.68 9.85
CA PHE B 323 -2.38 -16.80 10.70
C PHE B 323 -1.70 -15.45 10.91
N GLY B 324 -2.37 -14.40 10.44
CA GLY B 324 -1.85 -13.04 10.49
C GLY B 324 -2.21 -12.33 11.77
N GLY B 325 -2.42 -11.03 11.66
CA GLY B 325 -2.54 -10.15 12.82
C GLY B 325 -1.58 -8.98 12.69
N GLY B 326 -2.13 -7.77 12.65
CA GLY B 326 -1.36 -6.55 12.64
C GLY B 326 -2.15 -5.37 13.20
N ALA B 327 -1.42 -4.40 13.75
CA ALA B 327 -2.01 -3.16 14.25
C ALA B 327 -3.02 -2.61 13.22
N GLY B 328 -4.13 -2.07 13.73
CA GLY B 328 -5.29 -1.70 12.90
C GLY B 328 -6.62 -1.72 13.64
N TYR B 329 -7.06 -2.89 14.14
CA TYR B 329 -6.34 -4.16 14.04
C TYR B 329 -7.00 -5.08 13.02
N THR B 330 -6.18 -5.72 12.17
CA THR B 330 -6.61 -6.61 11.10
C THR B 330 -5.88 -7.96 11.15
N CYS B 331 -6.63 -9.06 11.03
CA CYS B 331 -6.04 -10.38 11.01
C CYS B 331 -6.59 -11.17 9.84
N THR B 332 -5.71 -11.53 8.90
CA THR B 332 -6.07 -12.36 7.77
C THR B 332 -5.44 -13.75 7.97
N ALA B 333 -6.27 -14.78 7.86
CA ALA B 333 -5.87 -16.17 8.07
C ALA B 333 -6.16 -16.94 6.79
N ALA B 334 -5.43 -18.03 6.57
CA ALA B 334 -5.59 -18.87 5.38
C ALA B 334 -5.35 -20.32 5.73
N VAL B 335 -6.07 -21.23 5.08
CA VAL B 335 -5.81 -22.66 5.20
C VAL B 335 -5.20 -23.14 3.87
N VAL B 336 -4.04 -23.79 3.95
CA VAL B 336 -3.30 -24.21 2.76
C VAL B 336 -3.12 -25.72 2.79
N GLU B 337 -3.39 -26.39 1.67
CA GLU B 337 -3.22 -27.85 1.56
C GLU B 337 -2.01 -28.16 0.68
N ILE B 338 -1.07 -28.92 1.23
CA ILE B 338 0.13 -29.29 0.51
C ILE B 338 -0.26 -30.39 -0.48
N LEU B 339 0.03 -30.18 -1.77
CA LEU B 339 -0.31 -31.13 -2.83
C LEU B 339 0.89 -31.99 -3.20
N ARG B 340 2.08 -31.41 -3.17
CA ARG B 340 3.30 -32.18 -3.32
C ARG B 340 4.44 -31.37 -2.75
N MET B 341 5.62 -31.97 -2.67
CA MET B 341 6.80 -31.27 -2.18
C MET B 341 7.65 -30.80 -3.36
N PRO B 342 7.94 -29.46 -3.44
CA PRO B 342 8.72 -28.90 -4.56
C PRO B 342 9.91 -29.78 -4.99
N1A COA C . -3.68 -15.14 23.45
C2A COA C . -4.53 -15.84 24.25
N3A COA C . -5.27 -15.25 25.21
C4A COA C . -5.19 -13.91 25.44
C5A COA C . -4.27 -13.09 24.62
C6A COA C . -3.50 -13.80 23.58
N6A COA C . -2.64 -13.12 22.79
N7A COA C . -4.37 -11.82 25.05
C8A COA C . -5.28 -11.81 26.07
N9A COA C . -5.76 -13.06 26.31
C1B COA C . -6.77 -13.44 27.34
C2B COA C . -6.08 -14.26 28.43
O2B COA C . -6.98 -15.28 28.93
C3B COA C . -5.75 -13.21 29.46
O3B COA C . -5.51 -13.74 30.78
P3B COA C . -4.01 -14.23 31.17
O7A COA C . -3.13 -12.99 31.06
O8A COA C . -4.17 -14.72 32.61
O9A COA C . -3.70 -15.30 30.16
C4B COA C . -6.95 -12.27 29.39
O4B COA C . -7.33 -12.28 27.99
C5B COA C . -6.63 -10.86 29.84
O5B COA C . -5.53 -10.39 29.06
P1A COA C . -5.08 -8.85 29.03
O1A COA C . -3.95 -8.66 30.03
O2A COA C . -6.32 -8.00 29.12
O3A COA C . -4.51 -8.70 27.53
P2A COA C . -3.08 -8.06 27.18
O4A COA C . -2.03 -9.14 27.38
O5A COA C . -2.95 -6.71 27.87
O6A COA C . -3.16 -7.77 25.61
CBP COA C . -4.18 -7.05 23.53
CCP COA C . -4.39 -7.37 25.01
CDP COA C . -5.54 -6.99 22.89
CEP COA C . -3.31 -8.16 22.92
CAP COA C . -3.56 -5.68 23.31
OAP COA C . -2.87 -5.25 24.51
C9P COA C . -2.65 -5.57 22.08
O9P COA C . -1.65 -4.87 22.17
N8P COA C . -3.03 -6.13 20.91
C7P COA C . -2.41 -5.77 19.64
C6P COA C . -1.02 -6.34 19.30
C5P COA C . -0.49 -5.65 18.02
O5P COA C . -1.20 -4.87 17.39
N4P COA C . 0.78 -5.92 17.65
C3P COA C . 1.46 -5.23 16.54
C2P COA C . 1.31 -5.96 15.19
S1P COA C . 1.93 -5.01 13.80
#